data_2GE2
# 
_entry.id   2GE2 
# 
_audit_conform.dict_name       mmcif_pdbx.dic 
_audit_conform.dict_version    5.392 
_audit_conform.dict_location   http://mmcif.pdb.org/dictionaries/ascii/mmcif_pdbx.dic 
# 
loop_
_database_2.database_id 
_database_2.database_code 
_database_2.pdbx_database_accession 
_database_2.pdbx_DOI 
PDB   2GE2         pdb_00002ge2 10.2210/pdb2ge2/pdb 
RCSB  RCSB037003   ?            ?                   
WWPDB D_1000037003 ?            ?                   
# 
loop_
_pdbx_audit_revision_history.ordinal 
_pdbx_audit_revision_history.data_content_type 
_pdbx_audit_revision_history.major_revision 
_pdbx_audit_revision_history.minor_revision 
_pdbx_audit_revision_history.revision_date 
1 'Structure model' 1 0 2006-07-04 
2 'Structure model' 1 1 2008-05-01 
3 'Structure model' 1 2 2011-07-13 
4 'Structure model' 1 3 2022-03-09 
5 'Structure model' 1 4 2024-05-29 
# 
_pdbx_audit_revision_details.ordinal             1 
_pdbx_audit_revision_details.revision_ordinal    1 
_pdbx_audit_revision_details.data_content_type   'Structure model' 
_pdbx_audit_revision_details.provider            repository 
_pdbx_audit_revision_details.type                'Initial release' 
_pdbx_audit_revision_details.description         ? 
_pdbx_audit_revision_details.details             ? 
# 
loop_
_pdbx_audit_revision_group.ordinal 
_pdbx_audit_revision_group.revision_ordinal 
_pdbx_audit_revision_group.data_content_type 
_pdbx_audit_revision_group.group 
1 2 'Structure model' 'Version format compliance' 
2 3 'Structure model' 'Version format compliance' 
3 4 'Structure model' 'Data collection'           
4 4 'Structure model' 'Database references'       
5 4 'Structure model' 'Derived calculations'      
6 5 'Structure model' 'Data collection'           
# 
loop_
_pdbx_audit_revision_category.ordinal 
_pdbx_audit_revision_category.revision_ordinal 
_pdbx_audit_revision_category.data_content_type 
_pdbx_audit_revision_category.category 
1 4 'Structure model' database_2            
2 4 'Structure model' pdbx_nmr_software     
3 4 'Structure model' pdbx_struct_assembly  
4 4 'Structure model' pdbx_struct_oper_list 
5 4 'Structure model' struct_conn           
6 4 'Structure model' struct_site           
7 5 'Structure model' chem_comp_atom        
8 5 'Structure model' chem_comp_bond        
# 
loop_
_pdbx_audit_revision_item.ordinal 
_pdbx_audit_revision_item.revision_ordinal 
_pdbx_audit_revision_item.data_content_type 
_pdbx_audit_revision_item.item 
1 4 'Structure model' '_database_2.pdbx_DOI'                
2 4 'Structure model' '_database_2.pdbx_database_accession' 
3 4 'Structure model' '_pdbx_nmr_software.name'             
4 4 'Structure model' '_struct_conn.pdbx_leaving_atom_flag' 
5 4 'Structure model' '_struct_site.pdbx_auth_asym_id'      
6 4 'Structure model' '_struct_site.pdbx_auth_comp_id'      
7 4 'Structure model' '_struct_site.pdbx_auth_seq_id'       
# 
_pdbx_database_status.status_code                     REL 
_pdbx_database_status.entry_id                        2GE2 
_pdbx_database_status.recvd_initial_deposition_date   2006-03-17 
_pdbx_database_status.deposit_site                    RCSB 
_pdbx_database_status.process_site                    RCSB 
_pdbx_database_status.status_code_sf                  ? 
_pdbx_database_status.status_code_mr                  REL 
_pdbx_database_status.SG_entry                        ? 
_pdbx_database_status.pdb_format_compatible           Y 
_pdbx_database_status.status_code_cs                  ? 
_pdbx_database_status.status_code_nmr_data            ? 
_pdbx_database_status.methods_development_category    ? 
# 
loop_
_audit_author.name 
_audit_author.pdbx_ordinal 
'de los Santos, C.' 1 
'Zaliznyak, T.'     2 
# 
_citation.id                        primary 
_citation.title                     
;Structure and Stability of Duplex DNA Containing the 3-(Deoxyguanosin-N(2)-yl)-2-acetylaminofluorene (dG(N(2))-AAF) Lesion: A Bulky Adduct that Persists in Cellular DNA.
;
_citation.journal_abbrev            Chem.Res.Toxicol. 
_citation.journal_volume            19 
_citation.page_first                745 
_citation.page_last                 752 
_citation.year                      2006 
_citation.journal_id_ASTM           CRTOEC 
_citation.country                   US 
_citation.journal_id_ISSN           0893-228X 
_citation.journal_id_CSD            2140 
_citation.book_publisher            ? 
_citation.pdbx_database_id_PubMed   16780352 
_citation.pdbx_database_id_DOI      10.1021/tx060002i 
# 
loop_
_citation_author.citation_id 
_citation_author.name 
_citation_author.ordinal 
_citation_author.identifier_ORCID 
primary 'Zaliznyak, T.'     1 ? 
primary 'Bonala, R.'        2 ? 
primary 'Johnson, F.'       3 ? 
primary 'de Los Santos, C.' 4 ? 
# 
loop_
_entity.id 
_entity.type 
_entity.src_method 
_entity.pdbx_description 
_entity.formula_weight 
_entity.pdbx_number_of_molecules 
_entity.pdbx_ec 
_entity.pdbx_mutation 
_entity.pdbx_fragment 
_entity.details 
1 polymer     syn "5'-D(*CP*GP*TP*AP*CP*GP*CP*AP*TP*GP*C)-3'" 3334.186 1 ? ? ? ? 
2 polymer     syn "5'-D(*GP*CP*AP*TP*GP*CP*GP*TP*AP*CP*G)-3'" 3374.210 1 ? ? ? ? 
3 non-polymer syn 2-ACETYLAMINOFLUORENE-3-YL                  223.270  1 ? ? ? ? 
# 
loop_
_entity_poly.entity_id 
_entity_poly.type 
_entity_poly.nstd_linkage 
_entity_poly.nstd_monomer 
_entity_poly.pdbx_seq_one_letter_code 
_entity_poly.pdbx_seq_one_letter_code_can 
_entity_poly.pdbx_strand_id 
_entity_poly.pdbx_target_identifier 
1 polydeoxyribonucleotide no no '(DC)(DG)(DT)(DA)(DC)(DG)(DC)(DA)(DT)(DG)(DC)' CGTACGCATGC A ? 
2 polydeoxyribonucleotide no no '(DG)(DC)(DA)(DT)(DG)(DC)(DG)(DT)(DA)(DC)(DG)' GCATGCGTACG B ? 
# 
_pdbx_entity_nonpoly.entity_id   3 
_pdbx_entity_nonpoly.name        2-ACETYLAMINOFLUORENE-3-YL 
_pdbx_entity_nonpoly.comp_id     AFF 
# 
loop_
_entity_poly_seq.entity_id 
_entity_poly_seq.num 
_entity_poly_seq.mon_id 
_entity_poly_seq.hetero 
1 1  DC n 
1 2  DG n 
1 3  DT n 
1 4  DA n 
1 5  DC n 
1 6  DG n 
1 7  DC n 
1 8  DA n 
1 9  DT n 
1 10 DG n 
1 11 DC n 
2 1  DG n 
2 2  DC n 
2 3  DA n 
2 4  DT n 
2 5  DG n 
2 6  DC n 
2 7  DG n 
2 8  DT n 
2 9  DA n 
2 10 DC n 
2 11 DG n 
# 
loop_
_chem_comp.id 
_chem_comp.type 
_chem_comp.mon_nstd_flag 
_chem_comp.name 
_chem_comp.pdbx_synonyms 
_chem_comp.formula 
_chem_comp.formula_weight 
AFF 'DNA linking' . 2-ACETYLAMINOFLUORENE-3-YL           ? 'C15 H13 N O'     223.270 
DA  'DNA linking' y "2'-DEOXYADENOSINE-5'-MONOPHOSPHATE" ? 'C10 H14 N5 O6 P' 331.222 
DC  'DNA linking' y "2'-DEOXYCYTIDINE-5'-MONOPHOSPHATE"  ? 'C9 H14 N3 O7 P'  307.197 
DG  'DNA linking' y "2'-DEOXYGUANOSINE-5'-MONOPHOSPHATE" ? 'C10 H14 N5 O7 P' 347.221 
DT  'DNA linking' y "THYMIDINE-5'-MONOPHOSPHATE"         ? 'C10 H15 N2 O8 P' 322.208 
# 
loop_
_pdbx_poly_seq_scheme.asym_id 
_pdbx_poly_seq_scheme.entity_id 
_pdbx_poly_seq_scheme.seq_id 
_pdbx_poly_seq_scheme.mon_id 
_pdbx_poly_seq_scheme.ndb_seq_num 
_pdbx_poly_seq_scheme.pdb_seq_num 
_pdbx_poly_seq_scheme.auth_seq_num 
_pdbx_poly_seq_scheme.pdb_mon_id 
_pdbx_poly_seq_scheme.auth_mon_id 
_pdbx_poly_seq_scheme.pdb_strand_id 
_pdbx_poly_seq_scheme.pdb_ins_code 
_pdbx_poly_seq_scheme.hetero 
A 1 1  DC 1  1  1  DC C A . n 
A 1 2  DG 2  2  2  DG G A . n 
A 1 3  DT 3  3  3  DT T A . n 
A 1 4  DA 4  4  4  DA A A . n 
A 1 5  DC 5  5  5  DC C A . n 
A 1 6  DG 6  6  6  DG G A . n 
A 1 7  DC 7  7  7  DC C A . n 
A 1 8  DA 8  8  8  DA A A . n 
A 1 9  DT 9  9  9  DT T A . n 
A 1 10 DG 10 10 10 DG G A . n 
A 1 11 DC 11 11 11 DC C A . n 
B 2 1  DG 1  1  1  DG G B . n 
B 2 2  DC 2  2  2  DC C B . n 
B 2 3  DA 3  3  3  DA A B . n 
B 2 4  DT 4  4  4  DT T B . n 
B 2 5  DG 5  5  5  DG G B . n 
B 2 6  DC 6  6  6  DC C B . n 
B 2 7  DG 7  7  7  DG G B . n 
B 2 8  DT 8  8  8  DT T B . n 
B 2 9  DA 9  9  9  DA A B . n 
B 2 10 DC 10 10 10 DC C B . n 
B 2 11 DG 11 11 11 DG G B . n 
# 
_pdbx_nonpoly_scheme.asym_id         C 
_pdbx_nonpoly_scheme.entity_id       3 
_pdbx_nonpoly_scheme.mon_id          AFF 
_pdbx_nonpoly_scheme.ndb_seq_num     1 
_pdbx_nonpoly_scheme.pdb_seq_num     12 
_pdbx_nonpoly_scheme.auth_seq_num    12 
_pdbx_nonpoly_scheme.pdb_mon_id      AFF 
_pdbx_nonpoly_scheme.auth_mon_id     AFF 
_pdbx_nonpoly_scheme.pdb_strand_id   A 
_pdbx_nonpoly_scheme.pdb_ins_code    . 
# 
_cell.entry_id           2GE2 
_cell.length_a           1.000 
_cell.length_b           1.000 
_cell.length_c           1.000 
_cell.angle_alpha        90.00 
_cell.angle_beta         90.00 
_cell.angle_gamma        90.00 
_cell.Z_PDB              1 
_cell.pdbx_unique_axis   ? 
# 
_symmetry.entry_id                         2GE2 
_symmetry.space_group_name_H-M             'P 1' 
_symmetry.pdbx_full_space_group_name_H-M   ? 
_symmetry.cell_setting                     ? 
_symmetry.Int_Tables_number                1 
# 
_exptl.entry_id          2GE2 
_exptl.method            'SOLUTION NMR' 
_exptl.crystals_number   ? 
# 
_exptl_crystal.id                    1 
_exptl_crystal.density_meas          ? 
_exptl_crystal.density_Matthews      ? 
_exptl_crystal.density_percent_sol   ? 
_exptl_crystal.description           ? 
# 
_diffrn.id                     1 
_diffrn.ambient_temp           ? 
_diffrn.ambient_temp_details   ? 
_diffrn.crystal_id             1 
# 
_diffrn_radiation.diffrn_id                        1 
_diffrn_radiation.wavelength_id                    1 
_diffrn_radiation.monochromator                    ? 
_diffrn_radiation.pdbx_monochromatic_or_laue_m_l   M 
_diffrn_radiation.pdbx_diffrn_protocol             'SINGLE WAVELENGTH' 
_diffrn_radiation.pdbx_scattering_type             ? 
# 
_diffrn_radiation_wavelength.id           1 
_diffrn_radiation_wavelength.wavelength   . 
_diffrn_radiation_wavelength.wt           1.0 
# 
_struct.entry_id                  2GE2 
_struct.title                     
'Solution structure of the Duplex DNA Containing the 3-(Deoxyguanosin-N2-yl)-2-Acetoaminofluorene' 
_struct.pdbx_model_details        ? 
_struct.pdbx_CASP_flag            ? 
_struct.pdbx_model_type_details   'minimized average' 
# 
_struct_keywords.entry_id        2GE2 
_struct_keywords.pdbx_keywords   DNA 
_struct_keywords.text            'DNA, acetylaminofluoren (AAF)' 
# 
loop_
_struct_asym.id 
_struct_asym.pdbx_blank_PDB_chainid_flag 
_struct_asym.pdbx_modified 
_struct_asym.entity_id 
_struct_asym.details 
A N N 1 ? 
B N N 2 ? 
C N N 3 ? 
# 
loop_
_struct_ref.id 
_struct_ref.entity_id 
_struct_ref.db_name 
_struct_ref.db_code 
_struct_ref.pdbx_db_accession 
_struct_ref.pdbx_db_isoform 
_struct_ref.pdbx_seq_one_letter_code 
_struct_ref.pdbx_align_begin 
1 1 PDB 2GE2 2GE2 ? ? ? 
2 2 PDB 2GE2 2GE2 ? ? ? 
# 
loop_
_struct_ref_seq.align_id 
_struct_ref_seq.ref_id 
_struct_ref_seq.pdbx_PDB_id_code 
_struct_ref_seq.pdbx_strand_id 
_struct_ref_seq.seq_align_beg 
_struct_ref_seq.pdbx_seq_align_beg_ins_code 
_struct_ref_seq.seq_align_end 
_struct_ref_seq.pdbx_seq_align_end_ins_code 
_struct_ref_seq.pdbx_db_accession 
_struct_ref_seq.db_align_beg 
_struct_ref_seq.pdbx_db_align_beg_ins_code 
_struct_ref_seq.db_align_end 
_struct_ref_seq.pdbx_db_align_end_ins_code 
_struct_ref_seq.pdbx_auth_seq_align_beg 
_struct_ref_seq.pdbx_auth_seq_align_end 
1 1 2GE2 A 1 ? 11 ? 2GE2 1 ? 11 ? 1 11 
2 2 2GE2 B 1 ? 11 ? 2GE2 1 ? 11 ? 1 11 
# 
_pdbx_struct_assembly.id                   1 
_pdbx_struct_assembly.details              author_defined_assembly 
_pdbx_struct_assembly.method_details       ? 
_pdbx_struct_assembly.oligomeric_details   dimeric 
_pdbx_struct_assembly.oligomeric_count     2 
# 
_pdbx_struct_assembly_gen.assembly_id       1 
_pdbx_struct_assembly_gen.oper_expression   1 
_pdbx_struct_assembly_gen.asym_id_list      A,B,C 
# 
_pdbx_struct_oper_list.id                   1 
_pdbx_struct_oper_list.type                 'identity operation' 
_pdbx_struct_oper_list.name                 1_555 
_pdbx_struct_oper_list.symmetry_operation   x,y,z 
_pdbx_struct_oper_list.matrix[1][1]         1.0000000000 
_pdbx_struct_oper_list.matrix[1][2]         0.0000000000 
_pdbx_struct_oper_list.matrix[1][3]         0.0000000000 
_pdbx_struct_oper_list.vector[1]            0.0000000000 
_pdbx_struct_oper_list.matrix[2][1]         0.0000000000 
_pdbx_struct_oper_list.matrix[2][2]         1.0000000000 
_pdbx_struct_oper_list.matrix[2][3]         0.0000000000 
_pdbx_struct_oper_list.vector[2]            0.0000000000 
_pdbx_struct_oper_list.matrix[3][1]         0.0000000000 
_pdbx_struct_oper_list.matrix[3][2]         0.0000000000 
_pdbx_struct_oper_list.matrix[3][3]         1.0000000000 
_pdbx_struct_oper_list.vector[3]            0.0000000000 
# 
_struct_biol.id   1 
# 
loop_
_struct_conn.id 
_struct_conn.conn_type_id 
_struct_conn.pdbx_leaving_atom_flag 
_struct_conn.pdbx_PDB_id 
_struct_conn.ptnr1_label_asym_id 
_struct_conn.ptnr1_label_comp_id 
_struct_conn.ptnr1_label_seq_id 
_struct_conn.ptnr1_label_atom_id 
_struct_conn.pdbx_ptnr1_label_alt_id 
_struct_conn.pdbx_ptnr1_PDB_ins_code 
_struct_conn.pdbx_ptnr1_standard_comp_id 
_struct_conn.ptnr1_symmetry 
_struct_conn.ptnr2_label_asym_id 
_struct_conn.ptnr2_label_comp_id 
_struct_conn.ptnr2_label_seq_id 
_struct_conn.ptnr2_label_atom_id 
_struct_conn.pdbx_ptnr2_label_alt_id 
_struct_conn.pdbx_ptnr2_PDB_ins_code 
_struct_conn.ptnr1_auth_asym_id 
_struct_conn.ptnr1_auth_comp_id 
_struct_conn.ptnr1_auth_seq_id 
_struct_conn.ptnr2_auth_asym_id 
_struct_conn.ptnr2_auth_comp_id 
_struct_conn.ptnr2_auth_seq_id 
_struct_conn.ptnr2_symmetry 
_struct_conn.pdbx_ptnr3_label_atom_id 
_struct_conn.pdbx_ptnr3_label_seq_id 
_struct_conn.pdbx_ptnr3_label_comp_id 
_struct_conn.pdbx_ptnr3_label_asym_id 
_struct_conn.pdbx_ptnr3_label_alt_id 
_struct_conn.pdbx_ptnr3_PDB_ins_code 
_struct_conn.details 
_struct_conn.pdbx_dist_value 
_struct_conn.pdbx_value_order 
_struct_conn.pdbx_role 
covale1  covale none ? A DG 6  N2 ? ? ? 1_555 C AFF .  C3 ? ? A DG 6  A AFF 12 1_555 ? ? ? ? ? ? ?            1.408 ? ? 
hydrog1  hydrog ?    ? A DC 1  N3 ? ? ? 1_555 B DG  11 N1 ? ? A DC 1  B DG  11 1_555 ? ? ? ? ? ? WATSON-CRICK ?     ? ? 
hydrog2  hydrog ?    ? A DC 1  N4 ? ? ? 1_555 B DG  11 O6 ? ? A DC 1  B DG  11 1_555 ? ? ? ? ? ? WATSON-CRICK ?     ? ? 
hydrog3  hydrog ?    ? A DC 1  O2 ? ? ? 1_555 B DG  11 N2 ? ? A DC 1  B DG  11 1_555 ? ? ? ? ? ? WATSON-CRICK ?     ? ? 
hydrog4  hydrog ?    ? A DG 2  N1 ? ? ? 1_555 B DC  10 N3 ? ? A DG 2  B DC  10 1_555 ? ? ? ? ? ? WATSON-CRICK ?     ? ? 
hydrog5  hydrog ?    ? A DG 2  N2 ? ? ? 1_555 B DC  10 O2 ? ? A DG 2  B DC  10 1_555 ? ? ? ? ? ? WATSON-CRICK ?     ? ? 
hydrog6  hydrog ?    ? A DG 2  O6 ? ? ? 1_555 B DC  10 N4 ? ? A DG 2  B DC  10 1_555 ? ? ? ? ? ? WATSON-CRICK ?     ? ? 
hydrog7  hydrog ?    ? A DT 3  N3 ? ? ? 1_555 B DA  9  N1 ? ? A DT 3  B DA  9  1_555 ? ? ? ? ? ? WATSON-CRICK ?     ? ? 
hydrog8  hydrog ?    ? A DT 3  O4 ? ? ? 1_555 B DA  9  N6 ? ? A DT 3  B DA  9  1_555 ? ? ? ? ? ? WATSON-CRICK ?     ? ? 
hydrog9  hydrog ?    ? A DA 4  N1 ? ? ? 1_555 B DT  8  N3 ? ? A DA 4  B DT  8  1_555 ? ? ? ? ? ? WATSON-CRICK ?     ? ? 
hydrog10 hydrog ?    ? A DA 4  N6 ? ? ? 1_555 B DT  8  O4 ? ? A DA 4  B DT  8  1_555 ? ? ? ? ? ? WATSON-CRICK ?     ? ? 
hydrog11 hydrog ?    ? A DC 5  N3 ? ? ? 1_555 B DG  7  N1 ? ? A DC 5  B DG  7  1_555 ? ? ? ? ? ? WATSON-CRICK ?     ? ? 
hydrog12 hydrog ?    ? A DC 5  N4 ? ? ? 1_555 B DG  7  O6 ? ? A DC 5  B DG  7  1_555 ? ? ? ? ? ? WATSON-CRICK ?     ? ? 
hydrog13 hydrog ?    ? A DC 5  O2 ? ? ? 1_555 B DG  7  N2 ? ? A DC 5  B DG  7  1_555 ? ? ? ? ? ? WATSON-CRICK ?     ? ? 
hydrog14 hydrog ?    ? A DG 6  N1 ? ? ? 1_555 B DC  6  N3 ? ? A DG 6  B DC  6  1_555 ? ? ? ? ? ? WATSON-CRICK ?     ? ? 
hydrog15 hydrog ?    ? A DG 6  N2 ? ? ? 1_555 B DC  6  O2 ? ? A DG 6  B DC  6  1_555 ? ? ? ? ? ? WATSON-CRICK ?     ? ? 
hydrog16 hydrog ?    ? A DG 6  O6 ? ? ? 1_555 B DC  6  N4 ? ? A DG 6  B DC  6  1_555 ? ? ? ? ? ? WATSON-CRICK ?     ? ? 
hydrog17 hydrog ?    ? A DC 7  N3 ? ? ? 1_555 B DG  5  N1 ? ? A DC 7  B DG  5  1_555 ? ? ? ? ? ? WATSON-CRICK ?     ? ? 
hydrog18 hydrog ?    ? A DC 7  N4 ? ? ? 1_555 B DG  5  O6 ? ? A DC 7  B DG  5  1_555 ? ? ? ? ? ? WATSON-CRICK ?     ? ? 
hydrog19 hydrog ?    ? A DC 7  O2 ? ? ? 1_555 B DG  5  N2 ? ? A DC 7  B DG  5  1_555 ? ? ? ? ? ? WATSON-CRICK ?     ? ? 
hydrog20 hydrog ?    ? A DA 8  N1 ? ? ? 1_555 B DT  4  N3 ? ? A DA 8  B DT  4  1_555 ? ? ? ? ? ? WATSON-CRICK ?     ? ? 
hydrog21 hydrog ?    ? A DA 8  N6 ? ? ? 1_555 B DT  4  O4 ? ? A DA 8  B DT  4  1_555 ? ? ? ? ? ? WATSON-CRICK ?     ? ? 
hydrog22 hydrog ?    ? A DT 9  N3 ? ? ? 1_555 B DA  3  N1 ? ? A DT 9  B DA  3  1_555 ? ? ? ? ? ? WATSON-CRICK ?     ? ? 
hydrog23 hydrog ?    ? A DT 9  O4 ? ? ? 1_555 B DA  3  N6 ? ? A DT 9  B DA  3  1_555 ? ? ? ? ? ? WATSON-CRICK ?     ? ? 
hydrog24 hydrog ?    ? A DG 10 N1 ? ? ? 1_555 B DC  2  N3 ? ? A DG 10 B DC  2  1_555 ? ? ? ? ? ? WATSON-CRICK ?     ? ? 
hydrog25 hydrog ?    ? A DG 10 N2 ? ? ? 1_555 B DC  2  O2 ? ? A DG 10 B DC  2  1_555 ? ? ? ? ? ? WATSON-CRICK ?     ? ? 
hydrog26 hydrog ?    ? A DG 10 O6 ? ? ? 1_555 B DC  2  N4 ? ? A DG 10 B DC  2  1_555 ? ? ? ? ? ? WATSON-CRICK ?     ? ? 
hydrog27 hydrog ?    ? A DC 11 N3 ? ? ? 1_555 B DG  1  N1 ? ? A DC 11 B DG  1  1_555 ? ? ? ? ? ? WATSON-CRICK ?     ? ? 
hydrog28 hydrog ?    ? A DC 11 N4 ? ? ? 1_555 B DG  1  O6 ? ? A DC 11 B DG  1  1_555 ? ? ? ? ? ? WATSON-CRICK ?     ? ? 
hydrog29 hydrog ?    ? A DC 11 O2 ? ? ? 1_555 B DG  1  N2 ? ? A DC 11 B DG  1  1_555 ? ? ? ? ? ? WATSON-CRICK ?     ? ? 
# 
loop_
_struct_conn_type.id 
_struct_conn_type.criteria 
_struct_conn_type.reference 
covale ? ? 
hydrog ? ? 
# 
loop_
_struct_site.id 
_struct_site.pdbx_evidence_code 
_struct_site.pdbx_auth_asym_id 
_struct_site.pdbx_auth_comp_id 
_struct_site.pdbx_auth_seq_id 
_struct_site.pdbx_auth_ins_code 
_struct_site.pdbx_num_residues 
_struct_site.details 
AC1 Software A AFF 12 ? 7 'BINDING SITE FOR RESIDUE AFF A 12' 
1   ?        ? ?   ?  ? ? ?                                   
# 
loop_
_struct_site_gen.id 
_struct_site_gen.site_id 
_struct_site_gen.pdbx_num_res 
_struct_site_gen.label_comp_id 
_struct_site_gen.label_asym_id 
_struct_site_gen.label_seq_id 
_struct_site_gen.pdbx_auth_ins_code 
_struct_site_gen.auth_comp_id 
_struct_site_gen.auth_asym_id 
_struct_site_gen.auth_seq_id 
_struct_site_gen.label_atom_id 
_struct_site_gen.label_alt_id 
_struct_site_gen.symmetry 
_struct_site_gen.details 
1 AC1 7 DG A 6 ? DG A 6 . ? 1_555 ? 
2 AC1 7 DC A 7 ? DC A 7 . ? 1_555 ? 
3 AC1 7 DA A 8 ? DA A 8 . ? 1_555 ? 
4 AC1 7 DG B 5 ? DG B 5 . ? 1_555 ? 
5 AC1 7 DC B 6 ? DC B 6 . ? 1_555 ? 
6 AC1 7 DG B 7 ? DG B 7 . ? 1_555 ? 
7 AC1 7 DT B 8 ? DT B 8 . ? 1_555 ? 
# 
_pdbx_validate_rmsd_bond.id                        1 
_pdbx_validate_rmsd_bond.PDB_model_num             1 
_pdbx_validate_rmsd_bond.auth_atom_id_1            C5 
_pdbx_validate_rmsd_bond.auth_asym_id_1            A 
_pdbx_validate_rmsd_bond.auth_comp_id_1            DT 
_pdbx_validate_rmsd_bond.auth_seq_id_1             9 
_pdbx_validate_rmsd_bond.PDB_ins_code_1            ? 
_pdbx_validate_rmsd_bond.label_alt_id_1            ? 
_pdbx_validate_rmsd_bond.auth_atom_id_2            C7 
_pdbx_validate_rmsd_bond.auth_asym_id_2            A 
_pdbx_validate_rmsd_bond.auth_comp_id_2            DT 
_pdbx_validate_rmsd_bond.auth_seq_id_2             9 
_pdbx_validate_rmsd_bond.PDB_ins_code_2            ? 
_pdbx_validate_rmsd_bond.label_alt_id_2            ? 
_pdbx_validate_rmsd_bond.bond_value                1.533 
_pdbx_validate_rmsd_bond.bond_target_value         1.496 
_pdbx_validate_rmsd_bond.bond_deviation            0.037 
_pdbx_validate_rmsd_bond.bond_standard_deviation   0.006 
_pdbx_validate_rmsd_bond.linker_flag               N 
# 
loop_
_pdbx_validate_rmsd_angle.id 
_pdbx_validate_rmsd_angle.PDB_model_num 
_pdbx_validate_rmsd_angle.auth_atom_id_1 
_pdbx_validate_rmsd_angle.auth_asym_id_1 
_pdbx_validate_rmsd_angle.auth_comp_id_1 
_pdbx_validate_rmsd_angle.auth_seq_id_1 
_pdbx_validate_rmsd_angle.PDB_ins_code_1 
_pdbx_validate_rmsd_angle.label_alt_id_1 
_pdbx_validate_rmsd_angle.auth_atom_id_2 
_pdbx_validate_rmsd_angle.auth_asym_id_2 
_pdbx_validate_rmsd_angle.auth_comp_id_2 
_pdbx_validate_rmsd_angle.auth_seq_id_2 
_pdbx_validate_rmsd_angle.PDB_ins_code_2 
_pdbx_validate_rmsd_angle.label_alt_id_2 
_pdbx_validate_rmsd_angle.auth_atom_id_3 
_pdbx_validate_rmsd_angle.auth_asym_id_3 
_pdbx_validate_rmsd_angle.auth_comp_id_3 
_pdbx_validate_rmsd_angle.auth_seq_id_3 
_pdbx_validate_rmsd_angle.PDB_ins_code_3 
_pdbx_validate_rmsd_angle.label_alt_id_3 
_pdbx_validate_rmsd_angle.angle_value 
_pdbx_validate_rmsd_angle.angle_target_value 
_pdbx_validate_rmsd_angle.angle_deviation 
_pdbx_validate_rmsd_angle.angle_standard_deviation 
_pdbx_validate_rmsd_angle.linker_flag 
1  1 "C3'" A DG 2  ? ? "O3'" A DG 2  ? ? P     A DT 3  ? ? 127.58 119.70 7.88  1.20 Y 
2  1 "O4'" A DT 3  ? ? "C1'" A DT 3  ? ? N1    A DT 3  ? ? 111.43 108.30 3.13  0.30 N 
3  1 C6    A DT 3  ? ? C5    A DT 3  ? ? C7    A DT 3  ? ? 118.45 122.90 -4.45 0.60 N 
4  1 "O4'" A DA 4  ? ? "C1'" A DA 4  ? ? N9    A DA 4  ? ? 113.01 108.30 4.71  0.30 N 
5  1 "O4'" A DC 5  ? ? "C1'" A DC 5  ? ? N1    A DC 5  ? ? 113.64 108.30 5.34  0.30 N 
6  1 "C3'" A DC 5  ? ? "O3'" A DC 5  ? ? P     A DG 6  ? ? 127.66 119.70 7.96  1.20 Y 
7  1 "O4'" A DG 6  ? ? "C1'" A DG 6  ? ? N9    A DG 6  ? ? 101.94 108.00 -6.06 0.70 N 
8  1 N9    A DG 6  ? ? C4    A DG 6  ? ? C5    A DG 6  ? ? 108.41 105.40 3.01  0.40 N 
9  1 "O4'" A DA 8  ? ? "C1'" A DA 8  ? ? N9    A DA 8  ? ? 111.87 108.30 3.57  0.30 N 
10 1 "C3'" A DG 10 ? ? "O3'" A DG 10 ? ? P     A DC 11 ? ? 127.61 119.70 7.91  1.20 Y 
11 1 "O4'" A DC 11 ? ? "C1'" A DC 11 ? ? N1    A DC 11 ? ? 110.28 108.30 1.98  0.30 N 
12 1 "C3'" B DG 1  ? ? "O3'" B DG 1  ? ? P     B DC 2  ? ? 127.11 119.70 7.41  1.20 Y 
13 1 C6    B DT 4  ? ? C5    B DT 4  ? ? C7    B DT 4  ? ? 118.35 122.90 -4.55 0.60 N 
14 1 "C3'" B DG 5  ? ? "O3'" B DG 5  ? ? P     B DC 6  ? ? 128.80 119.70 9.10  1.20 Y 
15 1 "O4'" B DG 7  ? ? "C1'" B DG 7  ? ? N9    B DG 7  ? ? 110.80 108.30 2.50  0.30 N 
16 1 C6    B DT 8  ? ? C5    B DT 8  ? ? C7    B DT 8  ? ? 117.71 122.90 -5.19 0.60 N 
17 1 "O4'" B DG 11 ? ? "C1'" B DG 11 ? ? "C2'" B DG 11 ? ? 100.29 105.90 -5.61 0.80 N 
18 1 "O4'" B DG 11 ? ? "C1'" B DG 11 ? ? N9    B DG 11 ? ? 111.12 108.30 2.82  0.30 N 
# 
_struct_site_keywords.site_id   1 
_struct_site_keywords.text      'MINOR GROOVE BINDER, COVALENT' 
# 
_pdbx_nmr_ensemble.entry_id                                      2GE2 
_pdbx_nmr_ensemble.conformers_calculated_total_number            20 
_pdbx_nmr_ensemble.conformers_submitted_total_number             1 
_pdbx_nmr_ensemble.conformer_selection_criteria                  'structures with the least restraint violations' 
_pdbx_nmr_ensemble.average_constraints_per_residue               ? 
_pdbx_nmr_ensemble.average_constraint_violations_per_residue     ? 
_pdbx_nmr_ensemble.maximum_distance_constraint_violation         ? 
_pdbx_nmr_ensemble.average_distance_constraint_violation         ? 
_pdbx_nmr_ensemble.maximum_upper_distance_constraint_violation   ? 
_pdbx_nmr_ensemble.maximum_lower_distance_constraint_violation   ? 
_pdbx_nmr_ensemble.distance_constraint_violation_method          ? 
_pdbx_nmr_ensemble.maximum_torsion_angle_constraint_violation    ? 
_pdbx_nmr_ensemble.average_torsion_angle_constraint_violation    ? 
_pdbx_nmr_ensemble.torsion_angle_constraint_violation_method     ? 
# 
_pdbx_nmr_representative.entry_id             2GE2 
_pdbx_nmr_representative.conformer_id         1 
_pdbx_nmr_representative.selection_criteria   'minimized average structure' 
# 
loop_
_pdbx_nmr_sample_details.solution_id 
_pdbx_nmr_sample_details.contents 
_pdbx_nmr_sample_details.solvent_system 
1 '0.9mM duplex DNA, 3-(deoxyguanosin-N2-yl)-2acetylamino-fluorene, 25mM phosphate buffer, 0.5mM EDTA, 50mM NaCl, 100% D2O' 
'100% D2O'        
2 
'0.9mM duplex DNA, 3-(deoxyguanosin-N2-yl)-2acetylamino-fluorene, 25mM phosphate buffer, 0.5mM EDTA, 50mM NaCl, 90% H2O, 10% D2O' 
'90% H2O/10% D2O' 
# 
loop_
_pdbx_nmr_exptl_sample_conditions.conditions_id 
_pdbx_nmr_exptl_sample_conditions.temperature 
_pdbx_nmr_exptl_sample_conditions.pressure 
_pdbx_nmr_exptl_sample_conditions.pH 
_pdbx_nmr_exptl_sample_conditions.ionic_strength 
_pdbx_nmr_exptl_sample_conditions.pressure_units 
_pdbx_nmr_exptl_sample_conditions.temperature_units 
1 303 1 6.8 '50mM NaCl' atm K 
2 278 1 6.8 '50mM NaCl' atm K 
# 
loop_
_pdbx_nmr_exptl.experiment_id 
_pdbx_nmr_exptl.conditions_id 
_pdbx_nmr_exptl.type 
_pdbx_nmr_exptl.solution_id 
1 1 '2D NOESY'        1 
2 1 '2D TOCSY'        1 
3 1 P-COSY            1 
4 1 DQF-COSY          1 
5 2 'noesyjrhs (H2O)' 2 
# 
_pdbx_nmr_details.entry_id   2GE2 
_pdbx_nmr_details.text       'This structure was determined using standard 2D homonuclear techniques.' 
# 
_pdbx_nmr_refine.entry_id           2GE2 
_pdbx_nmr_refine.method             'restrained molecular dynamics' 
_pdbx_nmr_refine.details            
;total of 582 NOE-derived inter-proton distances were restrained, 72 dihedral angle restraints, 29 distance restraints from hydrogen bonds
;
_pdbx_nmr_refine.software_ordinal   1 
# 
loop_
_pdbx_nmr_software.classification 
_pdbx_nmr_software.name 
_pdbx_nmr_software.version 
_pdbx_nmr_software.authors 
_pdbx_nmr_software.ordinal 
processing           Felix  ?    ?                1 
refinement           X-PLOR 3.85 'Brunger et al.' 2 
'structure solution' X-PLOR 3.85 'Brunger et al.' 3 
collection           VNMR   5.2  ?                4 
# 
loop_
_chem_comp_atom.comp_id 
_chem_comp_atom.atom_id 
_chem_comp_atom.type_symbol 
_chem_comp_atom.pdbx_aromatic_flag 
_chem_comp_atom.pdbx_stereo_config 
_chem_comp_atom.pdbx_ordinal 
AFF C1     C Y N 1   
AFF C2     C Y N 2   
AFF N2     N N N 3   
AFF C3     C Y N 4   
AFF C4     C Y N 5   
AFF C5     C Y N 6   
AFF C6     C Y N 7   
AFF C7     C Y N 8   
AFF C8     C Y N 9   
AFF C9     C N N 10  
AFF C10    C Y N 11  
AFF C11    C Y N 12  
AFF C12    C Y N 13  
AFF C13    C Y N 14  
AFF C40    C N N 15  
AFF O40    O N N 16  
AFF C31    C N N 17  
AFF H1     H N N 18  
AFF HN2    H N N 19  
AFF H3     H N N 20  
AFF H4     H N N 21  
AFF H5     H N N 22  
AFF H6     H N N 23  
AFF H7     H N N 24  
AFF H8     H N N 25  
AFF HD     H N N 26  
AFF HU     H N N 27  
AFF H33    H N N 28  
AFF H31    H N N 29  
AFF H32    H N N 30  
DA  OP3    O N N 31  
DA  P      P N N 32  
DA  OP1    O N N 33  
DA  OP2    O N N 34  
DA  "O5'"  O N N 35  
DA  "C5'"  C N N 36  
DA  "C4'"  C N R 37  
DA  "O4'"  O N N 38  
DA  "C3'"  C N S 39  
DA  "O3'"  O N N 40  
DA  "C2'"  C N N 41  
DA  "C1'"  C N R 42  
DA  N9     N Y N 43  
DA  C8     C Y N 44  
DA  N7     N Y N 45  
DA  C5     C Y N 46  
DA  C6     C Y N 47  
DA  N6     N N N 48  
DA  N1     N Y N 49  
DA  C2     C Y N 50  
DA  N3     N Y N 51  
DA  C4     C Y N 52  
DA  HOP3   H N N 53  
DA  HOP2   H N N 54  
DA  "H5'"  H N N 55  
DA  "H5''" H N N 56  
DA  "H4'"  H N N 57  
DA  "H3'"  H N N 58  
DA  "HO3'" H N N 59  
DA  "H2'"  H N N 60  
DA  "H2''" H N N 61  
DA  "H1'"  H N N 62  
DA  H8     H N N 63  
DA  H61    H N N 64  
DA  H62    H N N 65  
DA  H2     H N N 66  
DC  OP3    O N N 67  
DC  P      P N N 68  
DC  OP1    O N N 69  
DC  OP2    O N N 70  
DC  "O5'"  O N N 71  
DC  "C5'"  C N N 72  
DC  "C4'"  C N R 73  
DC  "O4'"  O N N 74  
DC  "C3'"  C N S 75  
DC  "O3'"  O N N 76  
DC  "C2'"  C N N 77  
DC  "C1'"  C N R 78  
DC  N1     N N N 79  
DC  C2     C N N 80  
DC  O2     O N N 81  
DC  N3     N N N 82  
DC  C4     C N N 83  
DC  N4     N N N 84  
DC  C5     C N N 85  
DC  C6     C N N 86  
DC  HOP3   H N N 87  
DC  HOP2   H N N 88  
DC  "H5'"  H N N 89  
DC  "H5''" H N N 90  
DC  "H4'"  H N N 91  
DC  "H3'"  H N N 92  
DC  "HO3'" H N N 93  
DC  "H2'"  H N N 94  
DC  "H2''" H N N 95  
DC  "H1'"  H N N 96  
DC  H41    H N N 97  
DC  H42    H N N 98  
DC  H5     H N N 99  
DC  H6     H N N 100 
DG  OP3    O N N 101 
DG  P      P N N 102 
DG  OP1    O N N 103 
DG  OP2    O N N 104 
DG  "O5'"  O N N 105 
DG  "C5'"  C N N 106 
DG  "C4'"  C N R 107 
DG  "O4'"  O N N 108 
DG  "C3'"  C N S 109 
DG  "O3'"  O N N 110 
DG  "C2'"  C N N 111 
DG  "C1'"  C N R 112 
DG  N9     N Y N 113 
DG  C8     C Y N 114 
DG  N7     N Y N 115 
DG  C5     C Y N 116 
DG  C6     C N N 117 
DG  O6     O N N 118 
DG  N1     N N N 119 
DG  C2     C N N 120 
DG  N2     N N N 121 
DG  N3     N N N 122 
DG  C4     C Y N 123 
DG  HOP3   H N N 124 
DG  HOP2   H N N 125 
DG  "H5'"  H N N 126 
DG  "H5''" H N N 127 
DG  "H4'"  H N N 128 
DG  "H3'"  H N N 129 
DG  "HO3'" H N N 130 
DG  "H2'"  H N N 131 
DG  "H2''" H N N 132 
DG  "H1'"  H N N 133 
DG  H8     H N N 134 
DG  H1     H N N 135 
DG  H21    H N N 136 
DG  H22    H N N 137 
DT  OP3    O N N 138 
DT  P      P N N 139 
DT  OP1    O N N 140 
DT  OP2    O N N 141 
DT  "O5'"  O N N 142 
DT  "C5'"  C N N 143 
DT  "C4'"  C N R 144 
DT  "O4'"  O N N 145 
DT  "C3'"  C N S 146 
DT  "O3'"  O N N 147 
DT  "C2'"  C N N 148 
DT  "C1'"  C N R 149 
DT  N1     N N N 150 
DT  C2     C N N 151 
DT  O2     O N N 152 
DT  N3     N N N 153 
DT  C4     C N N 154 
DT  O4     O N N 155 
DT  C5     C N N 156 
DT  C7     C N N 157 
DT  C6     C N N 158 
DT  HOP3   H N N 159 
DT  HOP2   H N N 160 
DT  "H5'"  H N N 161 
DT  "H5''" H N N 162 
DT  "H4'"  H N N 163 
DT  "H3'"  H N N 164 
DT  "HO3'" H N N 165 
DT  "H2'"  H N N 166 
DT  "H2''" H N N 167 
DT  "H1'"  H N N 168 
DT  H3     H N N 169 
DT  H71    H N N 170 
DT  H72    H N N 171 
DT  H73    H N N 172 
DT  H6     H N N 173 
# 
loop_
_chem_comp_bond.comp_id 
_chem_comp_bond.atom_id_1 
_chem_comp_bond.atom_id_2 
_chem_comp_bond.value_order 
_chem_comp_bond.pdbx_aromatic_flag 
_chem_comp_bond.pdbx_stereo_config 
_chem_comp_bond.pdbx_ordinal 
AFF C1    C2     sing Y N 1   
AFF C1    C10    doub Y N 2   
AFF C1    H1     sing N N 3   
AFF C2    N2     sing N N 4   
AFF C2    C3     doub Y N 5   
AFF N2    C40    sing N N 6   
AFF N2    HN2    sing N N 7   
AFF C3    C4     sing Y N 8   
AFF C3    H3     sing N N 9   
AFF C4    C11    doub Y N 10  
AFF C4    H4     sing N N 11  
AFF C5    C6     sing Y N 12  
AFF C5    C12    doub Y N 13  
AFF C5    H5     sing N N 14  
AFF C6    C7     doub Y N 15  
AFF C6    H6     sing N N 16  
AFF C7    C8     sing Y N 17  
AFF C7    H7     sing N N 18  
AFF C8    C13    doub Y N 19  
AFF C8    H8     sing N N 20  
AFF C9    C10    sing N N 21  
AFF C9    C13    sing N N 22  
AFF C9    HD     sing N N 23  
AFF C9    HU     sing N N 24  
AFF C10   C11    sing Y N 25  
AFF C11   C12    sing Y N 26  
AFF C12   C13    sing Y N 27  
AFF C40   O40    doub N N 28  
AFF C40   C31    sing N N 29  
AFF C31   H33    sing N N 30  
AFF C31   H31    sing N N 31  
AFF C31   H32    sing N N 32  
DA  OP3   P      sing N N 33  
DA  OP3   HOP3   sing N N 34  
DA  P     OP1    doub N N 35  
DA  P     OP2    sing N N 36  
DA  P     "O5'"  sing N N 37  
DA  OP2   HOP2   sing N N 38  
DA  "O5'" "C5'"  sing N N 39  
DA  "C5'" "C4'"  sing N N 40  
DA  "C5'" "H5'"  sing N N 41  
DA  "C5'" "H5''" sing N N 42  
DA  "C4'" "O4'"  sing N N 43  
DA  "C4'" "C3'"  sing N N 44  
DA  "C4'" "H4'"  sing N N 45  
DA  "O4'" "C1'"  sing N N 46  
DA  "C3'" "O3'"  sing N N 47  
DA  "C3'" "C2'"  sing N N 48  
DA  "C3'" "H3'"  sing N N 49  
DA  "O3'" "HO3'" sing N N 50  
DA  "C2'" "C1'"  sing N N 51  
DA  "C2'" "H2'"  sing N N 52  
DA  "C2'" "H2''" sing N N 53  
DA  "C1'" N9     sing N N 54  
DA  "C1'" "H1'"  sing N N 55  
DA  N9    C8     sing Y N 56  
DA  N9    C4     sing Y N 57  
DA  C8    N7     doub Y N 58  
DA  C8    H8     sing N N 59  
DA  N7    C5     sing Y N 60  
DA  C5    C6     sing Y N 61  
DA  C5    C4     doub Y N 62  
DA  C6    N6     sing N N 63  
DA  C6    N1     doub Y N 64  
DA  N6    H61    sing N N 65  
DA  N6    H62    sing N N 66  
DA  N1    C2     sing Y N 67  
DA  C2    N3     doub Y N 68  
DA  C2    H2     sing N N 69  
DA  N3    C4     sing Y N 70  
DC  OP3   P      sing N N 71  
DC  OP3   HOP3   sing N N 72  
DC  P     OP1    doub N N 73  
DC  P     OP2    sing N N 74  
DC  P     "O5'"  sing N N 75  
DC  OP2   HOP2   sing N N 76  
DC  "O5'" "C5'"  sing N N 77  
DC  "C5'" "C4'"  sing N N 78  
DC  "C5'" "H5'"  sing N N 79  
DC  "C5'" "H5''" sing N N 80  
DC  "C4'" "O4'"  sing N N 81  
DC  "C4'" "C3'"  sing N N 82  
DC  "C4'" "H4'"  sing N N 83  
DC  "O4'" "C1'"  sing N N 84  
DC  "C3'" "O3'"  sing N N 85  
DC  "C3'" "C2'"  sing N N 86  
DC  "C3'" "H3'"  sing N N 87  
DC  "O3'" "HO3'" sing N N 88  
DC  "C2'" "C1'"  sing N N 89  
DC  "C2'" "H2'"  sing N N 90  
DC  "C2'" "H2''" sing N N 91  
DC  "C1'" N1     sing N N 92  
DC  "C1'" "H1'"  sing N N 93  
DC  N1    C2     sing N N 94  
DC  N1    C6     sing N N 95  
DC  C2    O2     doub N N 96  
DC  C2    N3     sing N N 97  
DC  N3    C4     doub N N 98  
DC  C4    N4     sing N N 99  
DC  C4    C5     sing N N 100 
DC  N4    H41    sing N N 101 
DC  N4    H42    sing N N 102 
DC  C5    C6     doub N N 103 
DC  C5    H5     sing N N 104 
DC  C6    H6     sing N N 105 
DG  OP3   P      sing N N 106 
DG  OP3   HOP3   sing N N 107 
DG  P     OP1    doub N N 108 
DG  P     OP2    sing N N 109 
DG  P     "O5'"  sing N N 110 
DG  OP2   HOP2   sing N N 111 
DG  "O5'" "C5'"  sing N N 112 
DG  "C5'" "C4'"  sing N N 113 
DG  "C5'" "H5'"  sing N N 114 
DG  "C5'" "H5''" sing N N 115 
DG  "C4'" "O4'"  sing N N 116 
DG  "C4'" "C3'"  sing N N 117 
DG  "C4'" "H4'"  sing N N 118 
DG  "O4'" "C1'"  sing N N 119 
DG  "C3'" "O3'"  sing N N 120 
DG  "C3'" "C2'"  sing N N 121 
DG  "C3'" "H3'"  sing N N 122 
DG  "O3'" "HO3'" sing N N 123 
DG  "C2'" "C1'"  sing N N 124 
DG  "C2'" "H2'"  sing N N 125 
DG  "C2'" "H2''" sing N N 126 
DG  "C1'" N9     sing N N 127 
DG  "C1'" "H1'"  sing N N 128 
DG  N9    C8     sing Y N 129 
DG  N9    C4     sing Y N 130 
DG  C8    N7     doub Y N 131 
DG  C8    H8     sing N N 132 
DG  N7    C5     sing Y N 133 
DG  C5    C6     sing N N 134 
DG  C5    C4     doub Y N 135 
DG  C6    O6     doub N N 136 
DG  C6    N1     sing N N 137 
DG  N1    C2     sing N N 138 
DG  N1    H1     sing N N 139 
DG  C2    N2     sing N N 140 
DG  C2    N3     doub N N 141 
DG  N2    H21    sing N N 142 
DG  N2    H22    sing N N 143 
DG  N3    C4     sing N N 144 
DT  OP3   P      sing N N 145 
DT  OP3   HOP3   sing N N 146 
DT  P     OP1    doub N N 147 
DT  P     OP2    sing N N 148 
DT  P     "O5'"  sing N N 149 
DT  OP2   HOP2   sing N N 150 
DT  "O5'" "C5'"  sing N N 151 
DT  "C5'" "C4'"  sing N N 152 
DT  "C5'" "H5'"  sing N N 153 
DT  "C5'" "H5''" sing N N 154 
DT  "C4'" "O4'"  sing N N 155 
DT  "C4'" "C3'"  sing N N 156 
DT  "C4'" "H4'"  sing N N 157 
DT  "O4'" "C1'"  sing N N 158 
DT  "C3'" "O3'"  sing N N 159 
DT  "C3'" "C2'"  sing N N 160 
DT  "C3'" "H3'"  sing N N 161 
DT  "O3'" "HO3'" sing N N 162 
DT  "C2'" "C1'"  sing N N 163 
DT  "C2'" "H2'"  sing N N 164 
DT  "C2'" "H2''" sing N N 165 
DT  "C1'" N1     sing N N 166 
DT  "C1'" "H1'"  sing N N 167 
DT  N1    C2     sing N N 168 
DT  N1    C6     sing N N 169 
DT  C2    O2     doub N N 170 
DT  C2    N3     sing N N 171 
DT  N3    C4     sing N N 172 
DT  N3    H3     sing N N 173 
DT  C4    O4     doub N N 174 
DT  C4    C5     sing N N 175 
DT  C5    C7     sing N N 176 
DT  C5    C6     doub N N 177 
DT  C7    H71    sing N N 178 
DT  C7    H72    sing N N 179 
DT  C7    H73    sing N N 180 
DT  C6    H6     sing N N 181 
# 
loop_
_ndb_struct_conf_na.entry_id 
_ndb_struct_conf_na.feature 
2GE2 'double helix'        
2GE2 'b-form double helix' 
# 
loop_
_ndb_struct_na_base_pair.model_number 
_ndb_struct_na_base_pair.i_label_asym_id 
_ndb_struct_na_base_pair.i_label_comp_id 
_ndb_struct_na_base_pair.i_label_seq_id 
_ndb_struct_na_base_pair.i_symmetry 
_ndb_struct_na_base_pair.j_label_asym_id 
_ndb_struct_na_base_pair.j_label_comp_id 
_ndb_struct_na_base_pair.j_label_seq_id 
_ndb_struct_na_base_pair.j_symmetry 
_ndb_struct_na_base_pair.shear 
_ndb_struct_na_base_pair.stretch 
_ndb_struct_na_base_pair.stagger 
_ndb_struct_na_base_pair.buckle 
_ndb_struct_na_base_pair.propeller 
_ndb_struct_na_base_pair.opening 
_ndb_struct_na_base_pair.pair_number 
_ndb_struct_na_base_pair.pair_name 
_ndb_struct_na_base_pair.i_auth_asym_id 
_ndb_struct_na_base_pair.i_auth_seq_id 
_ndb_struct_na_base_pair.i_PDB_ins_code 
_ndb_struct_na_base_pair.j_auth_asym_id 
_ndb_struct_na_base_pair.j_auth_seq_id 
_ndb_struct_na_base_pair.j_PDB_ins_code 
_ndb_struct_na_base_pair.hbond_type_28 
_ndb_struct_na_base_pair.hbond_type_12 
1 A DC 1  1_555 B DG 11 1_555 0.689  -0.224 0.062  -2.980  -0.434  -1.011  1  A_DC1:DG11_B A 1  ? B 11 ? 19 1 
1 A DG 2  1_555 B DC 10 1_555 -0.751 -0.247 0.300  0.712   -9.946  0.536   2  A_DG2:DC10_B A 2  ? B 10 ? 19 1 
1 A DT 3  1_555 B DA 9  1_555 0.039  -0.186 0.427  -1.956  -21.794 -9.053  3  A_DT3:DA9_B  A 3  ? B 9  ? 20 1 
1 A DA 4  1_555 B DT 8  1_555 0.420  -0.111 0.050  -3.799  -23.642 -12.392 4  A_DA4:DT8_B  A 4  ? B 8  ? 20 1 
1 A DC 5  1_555 B DG 7  1_555 0.720  -0.254 0.187  5.846   -8.151  -1.090  5  A_DC5:DG7_B  A 5  ? B 7  ? 19 1 
1 A DG 6  1_555 B DC 6  1_555 -0.184 -0.143 -0.014 -3.189  -17.878 4.402   6  A_DG6:DC6_B  A 6  ? B 6  ? 19 1 
1 A DC 7  1_555 B DG 5  1_555 -0.101 -0.108 0.759  -12.890 -16.640 -5.969  7  A_DC7:DG5_B  A 7  ? B 5  ? 19 1 
1 A DA 8  1_555 B DT 4  1_555 0.050  -0.179 -0.199 -8.148  -33.700 -6.340  8  A_DA8:DT4_B  A 8  ? B 4  ? 20 1 
1 A DT 9  1_555 B DA 3  1_555 -0.352 -0.048 -0.006 -25.227 -18.048 -4.169  9  A_DT9:DA3_B  A 9  ? B 3  ? 20 1 
1 A DG 10 1_555 B DC 2  1_555 -0.577 -0.252 0.017  -7.721  -10.835 -3.386  10 A_DG10:DC2_B A 10 ? B 2  ? 19 1 
1 A DC 11 1_555 B DG 1  1_555 0.735  -0.248 -0.006 3.129   -3.095  -2.010  11 A_DC11:DG1_B A 11 ? B 1  ? 19 1 
# 
loop_
_ndb_struct_na_base_pair_step.model_number 
_ndb_struct_na_base_pair_step.i_label_asym_id_1 
_ndb_struct_na_base_pair_step.i_label_comp_id_1 
_ndb_struct_na_base_pair_step.i_label_seq_id_1 
_ndb_struct_na_base_pair_step.i_symmetry_1 
_ndb_struct_na_base_pair_step.j_label_asym_id_1 
_ndb_struct_na_base_pair_step.j_label_comp_id_1 
_ndb_struct_na_base_pair_step.j_label_seq_id_1 
_ndb_struct_na_base_pair_step.j_symmetry_1 
_ndb_struct_na_base_pair_step.i_label_asym_id_2 
_ndb_struct_na_base_pair_step.i_label_comp_id_2 
_ndb_struct_na_base_pair_step.i_label_seq_id_2 
_ndb_struct_na_base_pair_step.i_symmetry_2 
_ndb_struct_na_base_pair_step.j_label_asym_id_2 
_ndb_struct_na_base_pair_step.j_label_comp_id_2 
_ndb_struct_na_base_pair_step.j_label_seq_id_2 
_ndb_struct_na_base_pair_step.j_symmetry_2 
_ndb_struct_na_base_pair_step.shift 
_ndb_struct_na_base_pair_step.slide 
_ndb_struct_na_base_pair_step.rise 
_ndb_struct_na_base_pair_step.tilt 
_ndb_struct_na_base_pair_step.roll 
_ndb_struct_na_base_pair_step.twist 
_ndb_struct_na_base_pair_step.x_displacement 
_ndb_struct_na_base_pair_step.y_displacement 
_ndb_struct_na_base_pair_step.helical_rise 
_ndb_struct_na_base_pair_step.inclination 
_ndb_struct_na_base_pair_step.tip 
_ndb_struct_na_base_pair_step.helical_twist 
_ndb_struct_na_base_pair_step.step_number 
_ndb_struct_na_base_pair_step.step_name 
_ndb_struct_na_base_pair_step.i_auth_asym_id_1 
_ndb_struct_na_base_pair_step.i_auth_seq_id_1 
_ndb_struct_na_base_pair_step.i_PDB_ins_code_1 
_ndb_struct_na_base_pair_step.j_auth_asym_id_1 
_ndb_struct_na_base_pair_step.j_auth_seq_id_1 
_ndb_struct_na_base_pair_step.j_PDB_ins_code_1 
_ndb_struct_na_base_pair_step.i_auth_asym_id_2 
_ndb_struct_na_base_pair_step.i_auth_seq_id_2 
_ndb_struct_na_base_pair_step.i_PDB_ins_code_2 
_ndb_struct_na_base_pair_step.j_auth_asym_id_2 
_ndb_struct_na_base_pair_step.j_auth_seq_id_2 
_ndb_struct_na_base_pair_step.j_PDB_ins_code_2 
1 A DC 1  1_555 B DG 11 1_555 A DG 2  1_555 B DC 10 1_555 0.701  1.430  3.493 -5.762 28.522  6.213  -5.637 -3.068 1.972 76.657  
15.486  29.740 1  AA_DC1DG2:DC10DG11_BB A 1  ? B 11 ? A 2  ? B 10 ? 
1 A DG 2  1_555 B DC 10 1_555 A DT 3  1_555 B DA 9  1_555 -0.874 -0.716 3.190 -2.982 0.264   35.958 -1.193 0.996  3.245 0.427   
4.820   36.078 2  AA_DG2DT3:DA9DC10_BB  A 2  ? B 10 ? A 3  ? B 9  ? 
1 A DT 3  1_555 B DA 9  1_555 A DA 4  1_555 B DT 8  1_555 -0.185 -1.131 3.171 6.555  14.946  31.048 -3.894 1.190  2.319 25.807  
-11.319 34.983 3  AA_DT3DA4:DT8DA9_BB   A 3  ? B 9  ? A 4  ? B 8  ? 
1 A DA 4  1_555 B DT 8  1_555 A DC 5  1_555 B DG 7  1_555 1.872  -0.539 2.894 2.373  -3.557  32.748 -0.398 -2.926 3.059 -6.275  
-4.186  33.018 4  AA_DA4DC5:DG7DT8_BB   A 4  ? B 8  ? A 5  ? B 7  ? 
1 A DC 5  1_555 B DG 7  1_555 A DG 6  1_555 B DC 6  1_555 -0.566 -0.877 3.277 3.431  6.443   32.791 -2.541 1.525  2.983 11.240  
-5.985  33.572 5  AA_DC5DG6:DC6DG7_BB   A 5  ? B 7  ? A 6  ? B 6  ? 
1 A DG 6  1_555 B DC 6  1_555 A DC 7  1_555 B DG 5  1_555 -0.645 1.392  3.535 -5.706 -16.997 40.838 3.442  0.315  2.830 -23.066 
7.743   44.446 6  AA_DG6DC7:DG5DC6_BB   A 6  ? B 6  ? A 7  ? B 5  ? 
1 A DC 7  1_555 B DG 5  1_555 A DA 8  1_555 B DT 4  1_555 0.758  0.409  3.201 9.721  3.252   39.010 0.221  0.013  3.311 4.770   
-14.260 40.284 7  AA_DC7DA8:DT4DG5_BB   A 7  ? B 5  ? A 8  ? B 4  ? 
1 A DA 8  1_555 B DT 4  1_555 A DT 9  1_555 B DA 3  1_555 -0.099 0.114  3.587 -0.663 7.319   35.544 -0.946 0.057  3.541 11.833  
1.073   36.272 8  AA_DA8DT9:DA3DT4_BB   A 8  ? B 4  ? A 9  ? B 3  ? 
1 A DT 9  1_555 B DA 3  1_555 A DG 10 1_555 B DC 2  1_555 1.452  1.234  3.011 4.567  15.461  30.116 -0.468 -1.717 3.407 27.425  
-8.101  34.071 9  AA_DT9DG10:DC2DA3_BB  A 9  ? B 3  ? A 10 ? B 2  ? 
1 A DG 10 1_555 B DC 2  1_555 A DC 11 1_555 B DG 1  1_555 0.574  0.588  3.007 -0.030 -8.417  42.950 1.516  -0.774 2.847 -11.365 
0.040   43.729 10 AA_DG10DC11:DG1DC2_BB A 10 ? B 2  ? A 11 ? B 1  ? 
# 
_pdbx_nmr_spectrometer.spectrometer_id   1 
_pdbx_nmr_spectrometer.model             INOVA 
_pdbx_nmr_spectrometer.manufacturer      Varian 
_pdbx_nmr_spectrometer.field_strength    600 
_pdbx_nmr_spectrometer.type              ? 
# 
_atom_sites.entry_id                    2GE2 
_atom_sites.fract_transf_matrix[1][1]   1.000000 
_atom_sites.fract_transf_matrix[1][2]   0.000000 
_atom_sites.fract_transf_matrix[1][3]   0.000000 
_atom_sites.fract_transf_matrix[2][1]   0.000000 
_atom_sites.fract_transf_matrix[2][2]   1.000000 
_atom_sites.fract_transf_matrix[2][3]   0.000000 
_atom_sites.fract_transf_matrix[3][1]   0.000000 
_atom_sites.fract_transf_matrix[3][2]   0.000000 
_atom_sites.fract_transf_matrix[3][3]   1.000000 
_atom_sites.fract_transf_vector[1]      0.00000 
_atom_sites.fract_transf_vector[2]      0.00000 
_atom_sites.fract_transf_vector[3]      0.00000 
# 
loop_
_atom_type.symbol 
C 
H 
N 
O 
P 
# 
loop_
_atom_site.group_PDB 
_atom_site.id 
_atom_site.type_symbol 
_atom_site.label_atom_id 
_atom_site.label_alt_id 
_atom_site.label_comp_id 
_atom_site.label_asym_id 
_atom_site.label_entity_id 
_atom_site.label_seq_id 
_atom_site.pdbx_PDB_ins_code 
_atom_site.Cartn_x 
_atom_site.Cartn_y 
_atom_site.Cartn_z 
_atom_site.occupancy 
_atom_site.B_iso_or_equiv 
_atom_site.pdbx_formal_charge 
_atom_site.auth_seq_id 
_atom_site.auth_comp_id 
_atom_site.auth_asym_id 
_atom_site.auth_atom_id 
_atom_site.pdbx_PDB_model_num 
ATOM   1   O "O5'"  . DC  A 1 1  ? -17.006 11.732  -6.514  1.00 0.00 ? 1  DC  A "O5'"  1 
ATOM   2   C "C5'"  . DC  A 1 1  ? -16.054 11.005  -7.294  1.00 0.00 ? 1  DC  A "C5'"  1 
ATOM   3   C "C4'"  . DC  A 1 1  ? -15.396 9.938   -6.421  1.00 0.00 ? 1  DC  A "C4'"  1 
ATOM   4   O "O4'"  . DC  A 1 1  ? -14.337 9.228   -7.073  1.00 0.00 ? 1  DC  A "O4'"  1 
ATOM   5   C "C3'"  . DC  A 1 1  ? -14.751 10.557  -5.183  1.00 0.00 ? 1  DC  A "C3'"  1 
ATOM   6   O "O3'"  . DC  A 1 1  ? -15.718 10.738  -4.132  1.00 0.00 ? 1  DC  A "O3'"  1 
ATOM   7   C "C2'"  . DC  A 1 1  ? -13.601 9.594   -4.895  1.00 0.00 ? 1  DC  A "C2'"  1 
ATOM   8   C "C1'"  . DC  A 1 1  ? -13.583 8.567   -6.044  1.00 0.00 ? 1  DC  A "C1'"  1 
ATOM   9   N N1     . DC  A 1 1  ? -12.255 8.175   -6.614  1.00 0.00 ? 1  DC  A N1     1 
ATOM   10  C C2     . DC  A 1 1  ? -12.269 7.252   -7.659  1.00 0.00 ? 1  DC  A C2     1 
ATOM   11  O O2     . DC  A 1 1  ? -13.310 6.760   -8.087  1.00 0.00 ? 1  DC  A O2     1 
ATOM   12  N N3     . DC  A 1 1  ? -11.090 6.886   -8.216  1.00 0.00 ? 1  DC  A N3     1 
ATOM   13  C C4     . DC  A 1 1  ? -9.930  7.386   -7.791  1.00 0.00 ? 1  DC  A C4     1 
ATOM   14  N N4     . DC  A 1 1  ? -8.808  6.988   -8.389  1.00 0.00 ? 1  DC  A N4     1 
ATOM   15  C C5     . DC  A 1 1  ? -9.886  8.331   -6.722  1.00 0.00 ? 1  DC  A C5     1 
ATOM   16  C C6     . DC  A 1 1  ? -11.062 8.694   -6.167  1.00 0.00 ? 1  DC  A C6     1 
ATOM   17  H "H5'"  . DC  A 1 1  ? -15.296 11.690  -7.674  1.00 0.00 ? 1  DC  A "H5'"  1 
ATOM   18  H "H5''" . DC  A 1 1  ? -16.558 10.529  -8.136  1.00 0.00 ? 1  DC  A "H5''" 1 
ATOM   19  H "H4'"  . DC  A 1 1  ? -16.161 9.235   -6.092  1.00 0.00 ? 1  DC  A "H4'"  1 
ATOM   20  H "H3'"  . DC  A 1 1  ? -14.317 11.521  -5.444  1.00 0.00 ? 1  DC  A "H3'"  1 
ATOM   21  H "H2'"  . DC  A 1 1  ? -12.705 10.214  -4.883  1.00 0.00 ? 1  DC  A "H2'"  1 
ATOM   22  H "H2''" . DC  A 1 1  ? -13.716 9.091   -3.935  1.00 0.00 ? 1  DC  A "H2''" 1 
ATOM   23  H "H1'"  . DC  A 1 1  ? -14.136 7.680   -5.740  1.00 0.00 ? 1  DC  A "H1'"  1 
ATOM   24  H H41    . DC  A 1 1  ? -8.870  6.318   -9.142  1.00 0.00 ? 1  DC  A H41    1 
ATOM   25  H H42    . DC  A 1 1  ? -7.913  7.351   -8.095  1.00 0.00 ? 1  DC  A H42    1 
ATOM   26  H H5     . DC  A 1 1  ? -8.942  8.743   -6.365  1.00 0.00 ? 1  DC  A H5     1 
ATOM   27  H H6     . DC  A 1 1  ? -11.017 9.413   -5.349  1.00 0.00 ? 1  DC  A H6     1 
ATOM   28  H "HO5'" . DC  A 1 1  ? -16.726 11.543  -5.614  1.00 0.00 ? 1  DC  A "HO5'" 1 
ATOM   29  P P      . DG  A 1 2  ? -15.343 11.147  -2.613  1.00 0.00 ? 2  DG  A P      1 
ATOM   30  O OP1    . DG  A 1 2  ? -16.583 11.565  -1.923  1.00 0.00 ? 2  DG  A OP1    1 
ATOM   31  O OP2    . DG  A 1 2  ? -14.172 12.052  -2.642  1.00 0.00 ? 2  DG  A OP2    1 
ATOM   32  O "O5'"  . DG  A 1 2  ? -14.871 9.731   -2.011  1.00 0.00 ? 2  DG  A "O5'"  1 
ATOM   33  C "C5'"  . DG  A 1 2  ? -15.763 8.607   -2.014  1.00 0.00 ? 2  DG  A "C5'"  1 
ATOM   34  C "C4'"  . DG  A 1 2  ? -15.029 7.282   -1.843  1.00 0.00 ? 2  DG  A "C4'"  1 
ATOM   35  O "O4'"  . DG  A 1 2  ? -13.991 7.121   -2.823  1.00 0.00 ? 2  DG  A "O4'"  1 
ATOM   36  C "C3'"  . DG  A 1 2  ? -14.370 7.089   -0.473  1.00 0.00 ? 2  DG  A "C3'"  1 
ATOM   37  O "O3'"  . DG  A 1 2  ? -15.237 6.233   0.289   1.00 0.00 ? 2  DG  A "O3'"  1 
ATOM   38  C "C2'"  . DG  A 1 2  ? -12.984 6.549   -0.830  1.00 0.00 ? 2  DG  A "C2'"  1 
ATOM   39  C "C1'"  . DG  A 1 2  ? -13.062 6.170   -2.297  1.00 0.00 ? 2  DG  A "C1'"  1 
ATOM   40  N N9     . DG  A 1 2  ? -11.776 6.270   -3.029  1.00 0.00 ? 2  DG  A N9     1 
ATOM   41  C C8     . DG  A 1 2  ? -10.752 7.196   -2.936  1.00 0.00 ? 2  DG  A C8     1 
ATOM   42  N N7     . DG  A 1 2  ? -9.772  6.975   -3.770  1.00 0.00 ? 2  DG  A N7     1 
ATOM   43  C C5     . DG  A 1 2  ? -10.167 5.835   -4.460  1.00 0.00 ? 2  DG  A C5     1 
ATOM   44  C C6     . DG  A 1 2  ? -9.508  5.120   -5.494  1.00 0.00 ? 2  DG  A C6     1 
ATOM   45  O O6     . DG  A 1 2  ? -8.430  5.351   -6.035  1.00 0.00 ? 2  DG  A O6     1 
ATOM   46  N N1     . DG  A 1 2  ? -10.248 4.031   -5.909  1.00 0.00 ? 2  DG  A N1     1 
ATOM   47  C C2     . DG  A 1 2  ? -11.473 3.663   -5.401  1.00 0.00 ? 2  DG  A C2     1 
ATOM   48  N N2     . DG  A 1 2  ? -12.038 2.579   -5.915  1.00 0.00 ? 2  DG  A N2     1 
ATOM   49  N N3     . DG  A 1 2  ? -12.095 4.331   -4.432  1.00 0.00 ? 2  DG  A N3     1 
ATOM   50  C C4     . DG  A 1 2  ? -11.385 5.401   -4.013  1.00 0.00 ? 2  DG  A C4     1 
ATOM   51  H "H5'"  . DG  A 1 2  ? -16.292 8.573   -2.966  1.00 0.00 ? 2  DG  A "H5'"  1 
ATOM   52  H "H5''" . DG  A 1 2  ? -16.493 8.718   -1.213  1.00 0.00 ? 2  DG  A "H5''" 1 
ATOM   53  H "H4'"  . DG  A 1 2  ? -15.750 6.474   -1.967  1.00 0.00 ? 2  DG  A "H4'"  1 
ATOM   54  H "H3'"  . DG  A 1 2  ? -14.250 8.046   0.035   1.00 0.00 ? 2  DG  A "H3'"  1 
ATOM   55  H "H2'"  . DG  A 1 2  ? -12.265 7.357   -0.693  1.00 0.00 ? 2  DG  A "H2'"  1 
ATOM   56  H "H2''" . DG  A 1 2  ? -12.687 5.693   -0.225  1.00 0.00 ? 2  DG  A "H2''" 1 
ATOM   57  H "H1'"  . DG  A 1 2  ? -13.484 5.168   -2.383  1.00 0.00 ? 2  DG  A "H1'"  1 
ATOM   58  H H8     . DG  A 1 2  ? -10.720 8.039   -2.247  1.00 0.00 ? 2  DG  A H8     1 
ATOM   59  H H1     . DG  A 1 2  ? -9.814  3.497   -6.648  1.00 0.00 ? 2  DG  A H1     1 
ATOM   60  H H21    . DG  A 1 2  ? -11.553 2.069   -6.639  1.00 0.00 ? 2  DG  A H21    1 
ATOM   61  H H22    . DG  A 1 2  ? -12.940 2.277   -5.576  1.00 0.00 ? 2  DG  A H22    1 
ATOM   62  P P      . DT  A 1 3  ? -14.811 5.090   1.346   1.00 0.00 ? 3  DT  A P      1 
ATOM   63  O OP1    . DT  A 1 3  ? -15.989 4.762   2.181   1.00 0.00 ? 3  DT  A OP1    1 
ATOM   64  O OP2    . DT  A 1 3  ? -13.535 5.481   1.988   1.00 0.00 ? 3  DT  A OP2    1 
ATOM   65  O "O5'"  . DT  A 1 3  ? -14.523 3.853   0.353   1.00 0.00 ? 3  DT  A "O5'"  1 
ATOM   66  C "C5'"  . DT  A 1 3  ? -15.543 3.328   -0.513  1.00 0.00 ? 3  DT  A "C5'"  1 
ATOM   67  C "C4'"  . DT  A 1 3  ? -15.055 2.109   -1.297  1.00 0.00 ? 3  DT  A "C4'"  1 
ATOM   68  O "O4'"  . DT  A 1 3  ? -13.927 2.459   -2.124  1.00 0.00 ? 3  DT  A "O4'"  1 
ATOM   69  C "C3'"  . DT  A 1 3  ? -14.617 0.975   -0.359  1.00 0.00 ? 3  DT  A "C3'"  1 
ATOM   70  O "O3'"  . DT  A 1 3  ? -15.171 -0.280  -0.787  1.00 0.00 ? 3  DT  A "O3'"  1 
ATOM   71  C "C2'"  . DT  A 1 3  ? -13.111 1.033   -0.499  1.00 0.00 ? 3  DT  A "C2'"  1 
ATOM   72  C "C1'"  . DT  A 1 3  ? -12.889 1.490   -1.923  1.00 0.00 ? 3  DT  A "C1'"  1 
ATOM   73  N N1     . DT  A 1 3  ? -11.548 2.084   -2.125  1.00 0.00 ? 3  DT  A N1     1 
ATOM   74  C C2     . DT  A 1 3  ? -10.732 1.550   -3.111  1.00 0.00 ? 3  DT  A C2     1 
ATOM   75  O O2     . DT  A 1 3  ? -11.059 0.605   -3.825  1.00 0.00 ? 3  DT  A O2     1 
ATOM   76  N N3     . DT  A 1 3  ? -9.500  2.145   -3.258  1.00 0.00 ? 3  DT  A N3     1 
ATOM   77  C C4     . DT  A 1 3  ? -9.009  3.206   -2.526  1.00 0.00 ? 3  DT  A C4     1 
ATOM   78  O O4     . DT  A 1 3  ? -7.889  3.649   -2.765  1.00 0.00 ? 3  DT  A O4     1 
ATOM   79  C C5     . DT  A 1 3  ? -9.924  3.697   -1.519  1.00 0.00 ? 3  DT  A C5     1 
ATOM   80  C C7     . DT  A 1 3  ? -9.534  4.858   -0.609  1.00 0.00 ? 3  DT  A C7     1 
ATOM   81  C C6     . DT  A 1 3  ? -11.132 3.136   -1.357  1.00 0.00 ? 3  DT  A C6     1 
ATOM   82  H "H5'"  . DT  A 1 3  ? -15.838 4.099   -1.225  1.00 0.00 ? 3  DT  A "H5'"  1 
ATOM   83  H "H5''" . DT  A 1 3  ? -16.414 3.044   0.078   1.00 0.00 ? 3  DT  A "H5''" 1 
ATOM   84  H "H4'"  . DT  A 1 3  ? -15.860 1.737   -1.932  1.00 0.00 ? 3  DT  A "H4'"  1 
ATOM   85  H "H3'"  . DT  A 1 3  ? -14.927 1.179   0.666   1.00 0.00 ? 3  DT  A "H3'"  1 
ATOM   86  H "H2'"  . DT  A 1 3  ? -12.739 1.783   0.201   1.00 0.00 ? 3  DT  A "H2'"  1 
ATOM   87  H "H2''" . DT  A 1 3  ? -12.614 0.080   -0.323  1.00 0.00 ? 3  DT  A "H2''" 1 
ATOM   88  H "H1'"  . DT  A 1 3  ? -13.046 0.634   -2.579  1.00 0.00 ? 3  DT  A "H1'"  1 
ATOM   89  H H3     . DT  A 1 3  ? -8.905  1.758   -3.978  1.00 0.00 ? 3  DT  A H3     1 
ATOM   90  H H71    . DT  A 1 3  ? -8.610  5.326   -0.949  1.00 0.00 ? 3  DT  A H71    1 
ATOM   91  H H72    . DT  A 1 3  ? -10.349 5.583   -0.611  1.00 0.00 ? 3  DT  A H72    1 
ATOM   92  H H73    . DT  A 1 3  ? -9.407  4.492   0.410   1.00 0.00 ? 3  DT  A H73    1 
ATOM   93  H H6     . DT  A 1 3  ? -11.799 3.537   -0.593  1.00 0.00 ? 3  DT  A H6     1 
ATOM   94  P P      . DA  A 1 4  ? -14.906 -1.660  0.009   1.00 0.00 ? 4  DA  A P      1 
ATOM   95  O OP1    . DA  A 1 4  ? -15.893 -2.657  -0.465  1.00 0.00 ? 4  DA  A OP1    1 
ATOM   96  O OP2    . DA  A 1 4  ? -14.813 -1.354  1.455   1.00 0.00 ? 4  DA  A OP2    1 
ATOM   97  O "O5'"  . DA  A 1 4  ? -13.438 -2.104  -0.500  1.00 0.00 ? 4  DA  A "O5'"  1 
ATOM   98  C "C5'"  . DA  A 1 4  ? -13.226 -2.939  -1.652  1.00 0.00 ? 4  DA  A "C5'"  1 
ATOM   99  C "C4'"  . DA  A 1 4  ? -11.802 -3.513  -1.695  1.00 0.00 ? 4  DA  A "C4'"  1 
ATOM   100 O "O4'"  . DA  A 1 4  ? -10.833 -2.484  -2.024  1.00 0.00 ? 4  DA  A "O4'"  1 
ATOM   101 C "C3'"  . DA  A 1 4  ? -11.392 -4.060  -0.310  1.00 0.00 ? 4  DA  A "C3'"  1 
ATOM   102 O "O3'"  . DA  A 1 4  ? -11.047 -5.448  -0.444  1.00 0.00 ? 4  DA  A "O3'"  1 
ATOM   103 C "C2'"  . DA  A 1 4  ? -10.245 -3.124  0.104   1.00 0.00 ? 4  DA  A "C2'"  1 
ATOM   104 C "C1'"  . DA  A 1 4  ? -9.660  -2.642  -1.205  1.00 0.00 ? 4  DA  A "C1'"  1 
ATOM   105 N N9     . DA  A 1 4  ? -8.825  -1.399  -1.131  1.00 0.00 ? 4  DA  A N9     1 
ATOM   106 C C8     . DA  A 1 4  ? -8.922  -0.302  -0.284  1.00 0.00 ? 4  DA  A C8     1 
ATOM   107 N N7     . DA  A 1 4  ? -8.034  0.619   -0.509  1.00 0.00 ? 4  DA  A N7     1 
ATOM   108 C C5     . DA  A 1 4  ? -7.288  0.124   -1.568  1.00 0.00 ? 4  DA  A C5     1 
ATOM   109 C C6     . DA  A 1 4  ? -6.195  0.647   -2.266  1.00 0.00 ? 4  DA  A C6     1 
ATOM   110 N N6     . DA  A 1 4  ? -5.665  1.829   -1.969  1.00 0.00 ? 4  DA  A N6     1 
ATOM   111 N N1     . DA  A 1 4  ? -5.679  -0.082  -3.263  1.00 0.00 ? 4  DA  A N1     1 
ATOM   112 C C2     . DA  A 1 4  ? -6.216  -1.260  -3.553  1.00 0.00 ? 4  DA  A C2     1 
ATOM   113 N N3     . DA  A 1 4  ? -7.250  -1.861  -2.968  1.00 0.00 ? 4  DA  A N3     1 
ATOM   114 C C4     . DA  A 1 4  ? -7.752  -1.101  -1.962  1.00 0.00 ? 4  DA  A C4     1 
ATOM   115 H "H5'"  . DA  A 1 4  ? -13.408 -2.370  -2.563  1.00 0.00 ? 4  DA  A "H5'"  1 
ATOM   116 H "H5''" . DA  A 1 4  ? -13.927 -3.773  -1.611  1.00 0.00 ? 4  DA  A "H5''" 1 
ATOM   117 H "H4'"  . DA  A 1 4  ? -11.798 -4.331  -2.416  1.00 0.00 ? 4  DA  A "H4'"  1 
ATOM   118 H "H3'"  . DA  A 1 4  ? -12.216 -3.969  0.397   1.00 0.00 ? 4  DA  A "H3'"  1 
ATOM   119 H "H2'"  . DA  A 1 4  ? -10.661 -2.283  0.657   1.00 0.00 ? 4  DA  A "H2'"  1 
ATOM   120 H "H2''" . DA  A 1 4  ? -9.472  -3.609  0.700   1.00 0.00 ? 4  DA  A "H2''" 1 
ATOM   121 H "H1'"  . DA  A 1 4  ? -9.073  -3.484  -1.572  1.00 0.00 ? 4  DA  A "H1'"  1 
ATOM   122 H H8     . DA  A 1 4  ? -9.631  -0.137  0.528   1.00 0.00 ? 4  DA  A H8     1 
ATOM   123 H H61    . DA  A 1 4  ? -4.917  2.200   -2.537  1.00 0.00 ? 4  DA  A H61    1 
ATOM   124 H H62    . DA  A 1 4  ? -6.010  2.355   -1.180  1.00 0.00 ? 4  DA  A H62    1 
ATOM   125 H H2     . DA  A 1 4  ? -5.729  -1.779  -4.378  1.00 0.00 ? 4  DA  A H2     1 
ATOM   126 P P      . DC  A 1 5  ? -10.217 -6.304  0.640   1.00 0.00 ? 5  DC  A P      1 
ATOM   127 O OP1    . DC  A 1 5  ? -10.388 -7.742  0.332   1.00 0.00 ? 5  DC  A OP1    1 
ATOM   128 O OP2    . DC  A 1 5  ? -10.537 -5.797  1.994   1.00 0.00 ? 5  DC  A OP2    1 
ATOM   129 O "O5'"  . DC  A 1 5  ? -8.705  -5.878  0.285   1.00 0.00 ? 5  DC  A "O5'"  1 
ATOM   130 C "C5'"  . DC  A 1 5  ? -8.139  -6.157  -1.004  1.00 0.00 ? 5  DC  A "C5'"  1 
ATOM   131 C "C4'"  . DC  A 1 5  ? -6.715  -5.621  -1.128  1.00 0.00 ? 5  DC  A "C4'"  1 
ATOM   132 O "O4'"  . DC  A 1 5  ? -6.680  -4.186  -0.961  1.00 0.00 ? 5  DC  A "O4'"  1 
ATOM   133 C "C3'"  . DC  A 1 5  ? -5.774  -6.245  -0.079  1.00 0.00 ? 5  DC  A "C3'"  1 
ATOM   134 O "O3'"  . DC  A 1 5  ? -4.717  -6.954  -0.762  1.00 0.00 ? 5  DC  A "O3'"  1 
ATOM   135 C "C2'"  . DC  A 1 5  ? -5.356  -5.006  0.709   1.00 0.00 ? 5  DC  A "C2'"  1 
ATOM   136 C "C1'"  . DC  A 1 5  ? -5.455  -3.872  -0.296  1.00 0.00 ? 5  DC  A "C1'"  1 
ATOM   137 N N1     . DC  A 1 5  ? -5.429  -2.509  0.294   1.00 0.00 ? 5  DC  A N1     1 
ATOM   138 C C2     . DC  A 1 5  ? -4.597  -1.569  -0.306  1.00 0.00 ? 5  DC  A C2     1 
ATOM   139 O O2     . DC  A 1 5  ? -3.908  -1.838  -1.287  1.00 0.00 ? 5  DC  A O2     1 
ATOM   140 N N3     . DC  A 1 5  ? -4.553  -0.321  0.215   1.00 0.00 ? 5  DC  A N3     1 
ATOM   141 C C4     . DC  A 1 5  ? -5.282  0.012   1.281   1.00 0.00 ? 5  DC  A C4     1 
ATOM   142 N N4     . DC  A 1 5  ? -5.192  1.259   1.739   1.00 0.00 ? 5  DC  A N4     1 
ATOM   143 C C5     . DC  A 1 5  ? -6.142  -0.940  1.915   1.00 0.00 ? 5  DC  A C5     1 
ATOM   144 C C6     . DC  A 1 5  ? -6.185  -2.181  1.388   1.00 0.00 ? 5  DC  A C6     1 
ATOM   145 H "H5'"  . DC  A 1 5  ? -8.752  -5.695  -1.778  1.00 0.00 ? 5  DC  A "H5'"  1 
ATOM   146 H "H5''" . DC  A 1 5  ? -8.126  -7.236  -1.168  1.00 0.00 ? 5  DC  A "H5''" 1 
ATOM   147 H "H4'"  . DC  A 1 5  ? -6.325  -5.871  -2.115  1.00 0.00 ? 5  DC  A "H4'"  1 
ATOM   148 H "H3'"  . DC  A 1 5  ? -6.320  -6.941  0.558   1.00 0.00 ? 5  DC  A "H3'"  1 
ATOM   149 H "H2'"  . DC  A 1 5  ? -6.085  -4.866  1.508   1.00 0.00 ? 5  DC  A "H2'"  1 
ATOM   150 H "H2''" . DC  A 1 5  ? -4.360  -5.069  1.148   1.00 0.00 ? 5  DC  A "H2''" 1 
ATOM   151 H "H1'"  . DC  A 1 5  ? -4.631  -3.951  -1.007  1.00 0.00 ? 5  DC  A "H1'"  1 
ATOM   152 H H41    . DC  A 1 5  ? -4.609  1.918   1.243   1.00 0.00 ? 5  DC  A H41    1 
ATOM   153 H H42    . DC  A 1 5  ? -5.702  1.542   2.565   1.00 0.00 ? 5  DC  A H42    1 
ATOM   154 H H5     . DC  A 1 5  ? -6.735  -0.687  2.794   1.00 0.00 ? 5  DC  A H5     1 
ATOM   155 H H6     . DC  A 1 5  ? -6.843  -2.914  1.855   1.00 0.00 ? 5  DC  A H6     1 
ATOM   156 P P      . DG  A 1 6  ? -3.118  -6.734  -0.611  1.00 0.00 ? 6  DG  A P      1 
ATOM   157 O OP1    . DG  A 1 6  ? -2.438  -7.759  -1.436  1.00 0.00 ? 6  DG  A OP1    1 
ATOM   158 O OP2    . DG  A 1 6  ? -2.795  -6.627  0.830   1.00 0.00 ? 6  DG  A OP2    1 
ATOM   159 O "O5'"  . DG  A 1 6  ? -2.872  -5.285  -1.283  1.00 0.00 ? 6  DG  A "O5'"  1 
ATOM   160 C "C5'"  . DG  A 1 6  ? -2.745  -5.075  -2.700  1.00 0.00 ? 6  DG  A "C5'"  1 
ATOM   161 C "C4'"  . DG  A 1 6  ? -1.299  -4.790  -3.136  1.00 0.00 ? 6  DG  A "C4'"  1 
ATOM   162 O "O4'"  . DG  A 1 6  ? -0.764  -3.598  -2.541  1.00 0.00 ? 6  DG  A "O4'"  1 
ATOM   163 C "C3'"  . DG  A 1 6  ? -0.303  -5.885  -2.809  1.00 0.00 ? 6  DG  A "C3'"  1 
ATOM   164 O "O3'"  . DG  A 1 6  ? 0.708   -5.839  -3.826  1.00 0.00 ? 6  DG  A "O3'"  1 
ATOM   165 C "C2'"  . DG  A 1 6  ? 0.211   -5.437  -1.447  1.00 0.00 ? 6  DG  A "C2'"  1 
ATOM   166 C "C1'"  . DG  A 1 6  ? 0.146   -3.906  -1.469  1.00 0.00 ? 6  DG  A "C1'"  1 
ATOM   167 N N9     . DG  A 1 6  ? -0.465  -3.168  -0.323  1.00 0.00 ? 6  DG  A N9     1 
ATOM   168 C C8     . DG  A 1 6  ? -1.372  -3.517  0.654   1.00 0.00 ? 6  DG  A C8     1 
ATOM   169 N N7     . DG  A 1 6  ? -1.728  -2.525  1.436   1.00 0.00 ? 6  DG  A N7     1 
ATOM   170 C C5     . DG  A 1 6  ? -1.002  -1.444  0.945   1.00 0.00 ? 6  DG  A C5     1 
ATOM   171 C C6     . DG  A 1 6  ? -0.940  -0.081  1.357   1.00 0.00 ? 6  DG  A C6     1 
ATOM   172 O O6     . DG  A 1 6  ? -1.541  0.492   2.262   1.00 0.00 ? 6  DG  A O6     1 
ATOM   173 N N1     . DG  A 1 6  ? -0.065  0.654   0.568   1.00 0.00 ? 6  DG  A N1     1 
ATOM   174 C C2     . DG  A 1 6  ? 0.670   0.162   -0.485  1.00 0.00 ? 6  DG  A C2     1 
ATOM   175 N N2     . DG  A 1 6  ? 1.450   1.053   -1.161  1.00 0.00 ? 6  DG  A N2     1 
ATOM   176 N N3     . DG  A 1 6  ? 0.590   -1.114  -0.846  1.00 0.00 ? 6  DG  A N3     1 
ATOM   177 C C4     . DG  A 1 6  ? -0.241  -1.845  -0.111  1.00 0.00 ? 6  DG  A C4     1 
ATOM   178 H "H5'"  . DG  A 1 6  ? -3.359  -4.217  -2.975  1.00 0.00 ? 6  DG  A "H5'"  1 
ATOM   179 H "H5''" . DG  A 1 6  ? -3.113  -5.946  -3.243  1.00 0.00 ? 6  DG  A "H5''" 1 
ATOM   180 H "H4'"  . DG  A 1 6  ? -1.293  -4.647  -4.216  1.00 0.00 ? 6  DG  A "H4'"  1 
ATOM   181 H "H3'"  . DG  A 1 6  ? -0.769  -6.870  -2.805  1.00 0.00 ? 6  DG  A "H3'"  1 
ATOM   182 H "H2'"  . DG  A 1 6  ? -0.425  -5.858  -0.669  1.00 0.00 ? 6  DG  A "H2'"  1 
ATOM   183 H "H2''" . DG  A 1 6  ? 1.235   -5.782  -1.302  1.00 0.00 ? 6  DG  A "H2''" 1 
ATOM   184 H "H1'"  . DG  A 1 6  ? 1.124   -3.513  -1.747  1.00 0.00 ? 6  DG  A "H1'"  1 
ATOM   185 H H8     . DG  A 1 6  ? -1.767  -4.523  0.797   1.00 0.00 ? 6  DG  A H8     1 
ATOM   186 H H1     . DG  A 1 6  ? 0.033   1.632   0.798   1.00 0.00 ? 6  DG  A H1     1 
ATOM   187 H H22    . DG  A 1 6  ? 1.496   2.048   -0.993  1.00 0.00 ? 6  DG  A H22    1 
ATOM   188 P P      . DC  A 1 7  ? 1.549   -7.132  -4.276  1.00 0.00 ? 7  DC  A P      1 
ATOM   189 O OP1    . DC  A 1 7  ? 2.160   -6.858  -5.597  1.00 0.00 ? 7  DC  A OP1    1 
ATOM   190 O OP2    . DC  A 1 7  ? 0.708   -8.336  -4.090  1.00 0.00 ? 7  DC  A OP2    1 
ATOM   191 O "O5'"  . DC  A 1 7  ? 2.711   -7.159  -3.155  1.00 0.00 ? 7  DC  A "O5'"  1 
ATOM   192 C "C5'"  . DC  A 1 7  ? 4.039   -6.650  -3.348  1.00 0.00 ? 7  DC  A "C5'"  1 
ATOM   193 C "C4'"  . DC  A 1 7  ? 4.121   -5.217  -3.918  1.00 0.00 ? 7  DC  A "C4'"  1 
ATOM   194 O "O4'"  . DC  A 1 7  ? 3.355   -4.260  -3.160  1.00 0.00 ? 7  DC  A "O4'"  1 
ATOM   195 C "C3'"  . DC  A 1 7  ? 5.570   -4.748  -3.901  1.00 0.00 ? 7  DC  A "C3'"  1 
ATOM   196 O "O3'"  . DC  A 1 7  ? 5.860   -3.912  -5.026  1.00 0.00 ? 7  DC  A "O3'"  1 
ATOM   197 C "C2'"  . DC  A 1 7  ? 5.623   -3.977  -2.580  1.00 0.00 ? 7  DC  A "C2'"  1 
ATOM   198 C "C1'"  . DC  A 1 7  ? 4.223   -3.403  -2.389  1.00 0.00 ? 7  DC  A "C1'"  1 
ATOM   199 N N1     . DC  A 1 7  ? 3.755   -3.379  -0.975  1.00 0.00 ? 7  DC  A N1     1 
ATOM   200 C C2     . DC  A 1 7  ? 3.753   -2.183  -0.263  1.00 0.00 ? 7  DC  A C2     1 
ATOM   201 O O2     . DC  A 1 7  ? 4.159   -1.132  -0.747  1.00 0.00 ? 7  DC  A O2     1 
ATOM   202 N N3     . DC  A 1 7  ? 3.291   -2.195  1.014   1.00 0.00 ? 7  DC  A N3     1 
ATOM   203 C C4     . DC  A 1 7  ? 2.850   -3.320  1.582   1.00 0.00 ? 7  DC  A C4     1 
ATOM   204 N N4     . DC  A 1 7  ? 2.399   -3.275  2.832   1.00 0.00 ? 7  DC  A N4     1 
ATOM   205 C C5     . DC  A 1 7  ? 2.850   -4.557  0.869   1.00 0.00 ? 7  DC  A C5     1 
ATOM   206 C C6     . DC  A 1 7  ? 3.309   -4.533  -0.399  1.00 0.00 ? 7  DC  A C6     1 
ATOM   207 H "H5'"  . DC  A 1 7  ? 4.572   -7.325  -4.019  1.00 0.00 ? 7  DC  A "H5'"  1 
ATOM   208 H "H5''" . DC  A 1 7  ? 4.538   -6.674  -2.379  1.00 0.00 ? 7  DC  A "H5''" 1 
ATOM   209 H "H4'"  . DC  A 1 7  ? 3.759   -5.226  -4.946  1.00 0.00 ? 7  DC  A "H4'"  1 
ATOM   210 H "H3'"  . DC  A 1 7  ? 6.227   -5.614  -3.974  1.00 0.00 ? 7  DC  A "H3'"  1 
ATOM   211 H "H2'"  . DC  A 1 7  ? 5.864   -4.635  -1.746  1.00 0.00 ? 7  DC  A "H2'"  1 
ATOM   212 H "H2''" . DC  A 1 7  ? 6.347   -3.164  -2.638  1.00 0.00 ? 7  DC  A "H2''" 1 
ATOM   213 H "H1'"  . DC  A 1 7  ? 4.201   -2.397  -2.808  1.00 0.00 ? 7  DC  A "H1'"  1 
ATOM   214 H H41    . DC  A 1 7  ? 2.339   -2.391  3.318   1.00 0.00 ? 7  DC  A H41    1 
ATOM   215 H H42    . DC  A 1 7  ? 2.111   -4.124  3.299   1.00 0.00 ? 7  DC  A H42    1 
ATOM   216 H H5     . DC  A 1 7  ? 2.496   -5.479  1.329   1.00 0.00 ? 7  DC  A H5     1 
ATOM   217 H H6     . DC  A 1 7  ? 3.329   -5.444  -0.997  1.00 0.00 ? 7  DC  A H6     1 
ATOM   218 P P      . DA  A 1 8  ? 7.371   -3.520  -5.431  1.00 0.00 ? 8  DA  A P      1 
ATOM   219 O OP1    . DA  A 1 8  ? 7.329   -2.763  -6.703  1.00 0.00 ? 8  DA  A OP1    1 
ATOM   220 O OP2    . DA  A 1 8  ? 8.208   -4.737  -5.333  1.00 0.00 ? 8  DA  A OP2    1 
ATOM   221 O "O5'"  . DA  A 1 8  ? 7.810   -2.516  -4.247  1.00 0.00 ? 8  DA  A "O5'"  1 
ATOM   222 C "C5'"  . DA  A 1 8  ? 7.347   -1.159  -4.188  1.00 0.00 ? 8  DA  A "C5'"  1 
ATOM   223 C "C4'"  . DA  A 1 8  ? 7.712   -0.467  -2.872  1.00 0.00 ? 8  DA  A "C4'"  1 
ATOM   224 O "O4'"  . DA  A 1 8  ? 7.026   -1.077  -1.750  1.00 0.00 ? 8  DA  A "O4'"  1 
ATOM   225 C "C3'"  . DA  A 1 8  ? 9.215   -0.573  -2.563  1.00 0.00 ? 8  DA  A "C3'"  1 
ATOM   226 O "O3'"  . DA  A 1 8  ? 9.744   0.760   -2.486  1.00 0.00 ? 8  DA  A "O3'"  1 
ATOM   227 C "C2'"  . DA  A 1 8  ? 9.245   -1.380  -1.261  1.00 0.00 ? 8  DA  A "C2'"  1 
ATOM   228 C "C1'"  . DA  A 1 8  ? 7.906   -1.114  -0.611  1.00 0.00 ? 8  DA  A "C1'"  1 
ATOM   229 N N9     . DA  A 1 8  ? 7.445   -2.106  0.420   1.00 0.00 ? 8  DA  A N9     1 
ATOM   230 C C8     . DA  A 1 8  ? 7.566   -3.500  0.540   1.00 0.00 ? 8  DA  A C8     1 
ATOM   231 N N7     . DA  A 1 8  ? 6.967   -3.981  1.592   1.00 0.00 ? 8  DA  A N7     1 
ATOM   232 C C5     . DA  A 1 8  ? 6.419   -2.872  2.216   1.00 0.00 ? 8  DA  A C5     1 
ATOM   233 C C6     . DA  A 1 8  ? 5.662   -2.731  3.382   1.00 0.00 ? 8  DA  A C6     1 
ATOM   234 N N6     . DA  A 1 8  ? 5.298   -3.764  4.135   1.00 0.00 ? 8  DA  A N6     1 
ATOM   235 N N1     . DA  A 1 8  ? 5.281   -1.496  3.723   1.00 0.00 ? 8  DA  A N1     1 
ATOM   236 C C2     . DA  A 1 8  ? 5.623   -0.468  2.960   1.00 0.00 ? 8  DA  A C2     1 
ATOM   237 N N3     . DA  A 1 8  ? 6.329   -0.475  1.840   1.00 0.00 ? 8  DA  A N3     1 
ATOM   238 C C4     . DA  A 1 8  ? 6.703   -1.733  1.519   1.00 0.00 ? 8  DA  A C4     1 
ATOM   239 H "H5'"  . DA  A 1 8  ? 6.262   -1.143  -4.295  1.00 0.00 ? 8  DA  A "H5'"  1 
ATOM   240 H "H5''" . DA  A 1 8  ? 7.791   -0.601  -5.011  1.00 0.00 ? 8  DA  A "H5''" 1 
ATOM   241 H "H4'"  . DA  A 1 8  ? 7.468   0.588   -2.993  1.00 0.00 ? 8  DA  A "H4'"  1 
ATOM   242 H "H3'"  . DA  A 1 8  ? 9.739   -1.125  -3.343  1.00 0.00 ? 8  DA  A "H3'"  1 
ATOM   243 H "H2'"  . DA  A 1 8  ? 9.323   -2.438  -1.512  1.00 0.00 ? 8  DA  A "H2'"  1 
ATOM   244 H "H2''" . DA  A 1 8  ? 10.068  -1.094  -0.607  1.00 0.00 ? 8  DA  A "H2''" 1 
ATOM   245 H "H1'"  . DA  A 1 8  ? 7.934   -0.107  -0.196  1.00 0.00 ? 8  DA  A "H1'"  1 
ATOM   246 H H8     . DA  A 1 8  ? 8.079   -4.246  -0.067  1.00 0.00 ? 8  DA  A H8     1 
ATOM   247 H H61    . DA  A 1 8  ? 4.745   -3.629  4.968   1.00 0.00 ? 8  DA  A H61    1 
ATOM   248 H H62    . DA  A 1 8  ? 5.580   -4.696  3.867   1.00 0.00 ? 8  DA  A H62    1 
ATOM   249 H H2     . DA  A 1 8  ? 5.281   0.508   3.304   1.00 0.00 ? 8  DA  A H2     1 
ATOM   250 P P      . DT  A 1 9  ? 11.151  1.188   -1.824  1.00 0.00 ? 9  DT  A P      1 
ATOM   251 O OP1    . DT  A 1 9  ? 11.669  2.368   -2.552  1.00 0.00 ? 9  DT  A OP1    1 
ATOM   252 O OP2    . DT  A 1 9  ? 11.999  -0.017  -1.683  1.00 0.00 ? 9  DT  A OP2    1 
ATOM   253 O "O5'"  . DT  A 1 9  ? 10.697  1.653   -0.351  1.00 0.00 ? 9  DT  A "O5'"  1 
ATOM   254 C "C5'"  . DT  A 1 9  ? 9.929   2.847   -0.118  1.00 0.00 ? 9  DT  A "C5'"  1 
ATOM   255 C "C4'"  . DT  A 1 9  ? 9.903   3.205   1.370   1.00 0.00 ? 9  DT  A "C4'"  1 
ATOM   256 O "O4'"  . DT  A 1 9  ? 9.274   2.137   2.102   1.00 0.00 ? 9  DT  A "O4'"  1 
ATOM   257 C "C3'"  . DT  A 1 9  ? 11.329  3.385   1.912   1.00 0.00 ? 9  DT  A "C3'"  1 
ATOM   258 O "O3'"  . DT  A 1 9  ? 11.465  4.554   2.736   1.00 0.00 ? 9  DT  A "O3'"  1 
ATOM   259 C "C2'"  . DT  A 1 9  ? 11.532  2.102   2.713   1.00 0.00 ? 9  DT  A "C2'"  1 
ATOM   260 C "C1'"  . DT  A 1 9  ? 10.129  1.716   3.171   1.00 0.00 ? 9  DT  A "C1'"  1 
ATOM   261 N N1     . DT  A 1 9  ? 9.891   0.273   3.449   1.00 0.00 ? 9  DT  A N1     1 
ATOM   262 C C2     . DT  A 1 9  ? 9.183   -0.051  4.601   1.00 0.00 ? 9  DT  A C2     1 
ATOM   263 O O2     . DT  A 1 9  ? 8.758   0.786   5.394   1.00 0.00 ? 9  DT  A O2     1 
ATOM   264 N N3     . DT  A 1 9  ? 8.969   -1.393  4.824   1.00 0.00 ? 9  DT  A N3     1 
ATOM   265 C C4     . DT  A 1 9  ? 9.388   -2.432  4.023   1.00 0.00 ? 9  DT  A C4     1 
ATOM   266 O O4     . DT  A 1 9  ? 9.120   -3.586  4.346   1.00 0.00 ? 9  DT  A O4     1 
ATOM   267 C C5     . DT  A 1 9  ? 10.118  -2.017  2.847   1.00 0.00 ? 9  DT  A C5     1 
ATOM   268 C C7     . DT  A 1 9  ? 10.652  -3.071  1.870   1.00 0.00 ? 9  DT  A C7     1 
ATOM   269 C C6     . DT  A 1 9  ? 10.341  -0.710  2.600   1.00 0.00 ? 9  DT  A C6     1 
ATOM   270 H "H5'"  . DT  A 1 9  ? 8.905   2.686   -0.459  1.00 0.00 ? 9  DT  A "H5'"  1 
ATOM   271 H "H5''" . DT  A 1 9  ? 10.360  3.679   -0.677  1.00 0.00 ? 9  DT  A "H5''" 1 
ATOM   272 H "H4'"  . DT  A 1 9  ? 9.346   4.130   1.520   1.00 0.00 ? 9  DT  A "H4'"  1 
ATOM   273 H "H3'"  . DT  A 1 9  ? 12.004  3.501   1.063   1.00 0.00 ? 9  DT  A "H3'"  1 
ATOM   274 H "H2'"  . DT  A 1 9  ? 11.965  1.336   2.070   1.00 0.00 ? 9  DT  A "H2'"  1 
ATOM   275 H "H2''" . DT  A 1 9  ? 12.180  2.264   3.574   1.00 0.00 ? 9  DT  A "H2''" 1 
ATOM   276 H "H1'"  . DT  A 1 9  ? 9.916   2.311   4.059   1.00 0.00 ? 9  DT  A "H1'"  1 
ATOM   277 H H3     . DT  A 1 9  ? 8.453   -1.648  5.654   1.00 0.00 ? 9  DT  A H3     1 
ATOM   278 H H71    . DT  A 1 9  ? 10.378  -4.070  2.210   1.00 0.00 ? 9  DT  A H71    1 
ATOM   279 H H72    . DT  A 1 9  ? 10.232  -2.903  0.878   1.00 0.00 ? 9  DT  A H72    1 
ATOM   280 H H73    . DT  A 1 9  ? 11.738  -2.997  1.813   1.00 0.00 ? 9  DT  A H73    1 
ATOM   281 H H6     . DT  A 1 9  ? 10.891  -0.441  1.697   1.00 0.00 ? 9  DT  A H6     1 
ATOM   282 P P      . DG  A 1 10 ? 12.913  5.102   3.210   1.00 0.00 ? 10 DG  A P      1 
ATOM   283 O OP1    . DG  A 1 10 ? 12.734  6.483   3.713   1.00 0.00 ? 10 DG  A OP1    1 
ATOM   284 O OP2    . DG  A 1 10 ? 13.885  4.845   2.123   1.00 0.00 ? 10 DG  A OP2    1 
ATOM   285 O "O5'"  . DG  A 1 10 ? 13.306  4.150   4.459   1.00 0.00 ? 10 DG  A "O5'"  1 
ATOM   286 C "C5'"  . DG  A 1 10 ? 12.791  4.386   5.778   1.00 0.00 ? 10 DG  A "C5'"  1 
ATOM   287 C "C4'"  . DG  A 1 10 ? 13.254  3.351   6.810   1.00 0.00 ? 10 DG  A "C4'"  1 
ATOM   288 O "O4'"  . DG  A 1 10 ? 12.782  2.031   6.501   1.00 0.00 ? 10 DG  A "O4'"  1 
ATOM   289 C "C3'"  . DG  A 1 10 ? 14.777  3.244   6.987   1.00 0.00 ? 10 DG  A "C3'"  1 
ATOM   290 O "O3'"  . DG  A 1 10 ? 15.113  3.872   8.238   1.00 0.00 ? 10 DG  A "O3'"  1 
ATOM   291 C "C2'"  . DG  A 1 10 ? 15.035  1.737   6.885   1.00 0.00 ? 10 DG  A "C2'"  1 
ATOM   292 C "C1'"  . DG  A 1 10 ? 13.678  1.083   7.093   1.00 0.00 ? 10 DG  A "C1'"  1 
ATOM   293 N N9     . DG  A 1 10 ? 13.476  -0.215  6.396   1.00 0.00 ? 10 DG  A N9     1 
ATOM   294 C C8     . DG  A 1 10 ? 14.034  -0.704  5.228   1.00 0.00 ? 10 DG  A C8     1 
ATOM   295 N N7     . DG  A 1 10 ? 13.602  -1.887  4.896   1.00 0.00 ? 10 DG  A N7     1 
ATOM   296 C C5     . DG  A 1 10 ? 12.702  -2.213  5.900   1.00 0.00 ? 10 DG  A C5     1 
ATOM   297 C C6     . DG  A 1 10 ? 11.920  -3.382  6.070   1.00 0.00 ? 10 DG  A C6     1 
ATOM   298 O O6     . DG  A 1 10 ? 11.855  -4.380  5.360   1.00 0.00 ? 10 DG  A O6     1 
ATOM   299 N N1     . DG  A 1 10 ? 11.145  -3.317  7.207   1.00 0.00 ? 10 DG  A N1     1 
ATOM   300 C C2     . DG  A 1 10 ? 11.114  -2.261  8.088   1.00 0.00 ? 10 DG  A C2     1 
ATOM   301 N N2     . DG  A 1 10 ? 10.304  -2.384  9.133   1.00 0.00 ? 10 DG  A N2     1 
ATOM   302 N N3     . DG  A 1 10 ? 11.846  -1.156  7.935   1.00 0.00 ? 10 DG  A N3     1 
ATOM   303 C C4     . DG  A 1 10 ? 12.616  -1.202  6.821   1.00 0.00 ? 10 DG  A C4     1 
ATOM   304 H "H5'"  . DG  A 1 10 ? 11.701  4.363   5.744   1.00 0.00 ? 10 DG  A "H5'"  1 
ATOM   305 H "H5''" . DG  A 1 10 ? 13.108  5.373   6.113   1.00 0.00 ? 10 DG  A "H5''" 1 
ATOM   306 H "H4'"  . DG  A 1 10 ? 12.844  3.642   7.776   1.00 0.00 ? 10 DG  A "H4'"  1 
ATOM   307 H "H3'"  . DG  A 1 10 ? 15.291  3.749   6.169   1.00 0.00 ? 10 DG  A "H3'"  1 
ATOM   308 H "H2'"  . DG  A 1 10 ? 15.397  1.529   5.879   1.00 0.00 ? 10 DG  A "H2'"  1 
ATOM   309 H "H2''" . DG  A 1 10 ? 15.763  1.381   7.615   1.00 0.00 ? 10 DG  A "H2''" 1 
ATOM   310 H "H1'"  . DG  A 1 10 ? 13.509  1.005   8.167   1.00 0.00 ? 10 DG  A "H1'"  1 
ATOM   311 H H8     . DG  A 1 10 ? 14.764  -0.193  4.601   1.00 0.00 ? 10 DG  A H8     1 
ATOM   312 H H1     . DG  A 1 10 ? 10.568  -4.132  7.361   1.00 0.00 ? 10 DG  A H1     1 
ATOM   313 H H21    . DG  A 1 10 ? 9.763   -3.230  9.242   1.00 0.00 ? 10 DG  A H21    1 
ATOM   314 H H22    . DG  A 1 10 ? 10.239  -1.635  9.808   1.00 0.00 ? 10 DG  A H22    1 
ATOM   315 P P      . DC  A 1 11 ? 16.316  3.484   9.245   1.00 0.00 ? 11 DC  A P      1 
ATOM   316 O OP1    . DC  A 1 11 ? 16.627  4.666   10.081  1.00 0.00 ? 11 DC  A OP1    1 
ATOM   317 O OP2    . DC  A 1 11 ? 17.395  2.822   8.475   1.00 0.00 ? 11 DC  A OP2    1 
ATOM   318 O "O5'"  . DC  A 1 11 ? 15.604  2.372   10.174  1.00 0.00 ? 11 DC  A "O5'"  1 
ATOM   319 C "C5'"  . DC  A 1 11 ? 14.431  2.695   10.942  1.00 0.00 ? 11 DC  A "C5'"  1 
ATOM   320 C "C4'"  . DC  A 1 11 ? 13.836  1.474   11.648  1.00 0.00 ? 11 DC  A "C4'"  1 
ATOM   321 O "O4'"  . DC  A 1 11 ? 13.552  0.452   10.672  1.00 0.00 ? 11 DC  A "O4'"  1 
ATOM   322 C "C3'"  . DC  A 1 11 ? 14.784  0.875   12.699  1.00 0.00 ? 11 DC  A "C3'"  1 
ATOM   323 O "O3'"  . DC  A 1 11 ? 14.067  0.541   13.891  1.00 0.00 ? 11 DC  A "O3'"  1 
ATOM   324 C "C2'"  . DC  A 1 11 ? 15.266  -0.378  12.018  1.00 0.00 ? 11 DC  A "C2'"  1 
ATOM   325 C "C1'"  . DC  A 1 11 ? 14.123  -0.790  11.104  1.00 0.00 ? 11 DC  A "C1'"  1 
ATOM   326 N N1     . DC  A 1 11 ? 14.631  -1.555  9.940   1.00 0.00 ? 11 DC  A N1     1 
ATOM   327 C C2     . DC  A 1 11 ? 13.999  -2.746  9.602   1.00 0.00 ? 11 DC  A C2     1 
ATOM   328 O O2     . DC  A 1 11 ? 13.043  -3.185  10.238  1.00 0.00 ? 11 DC  A O2     1 
ATOM   329 N N3     . DC  A 1 11 ? 14.471  -3.440  8.539   1.00 0.00 ? 11 DC  A N3     1 
ATOM   330 C C4     . DC  A 1 11 ? 15.515  -3.005  7.828   1.00 0.00 ? 11 DC  A C4     1 
ATOM   331 N N4     . DC  A 1 11 ? 15.922  -3.734  6.793   1.00 0.00 ? 11 DC  A N4     1 
ATOM   332 C C5     . DC  A 1 11 ? 16.177  -1.784  8.167   1.00 0.00 ? 11 DC  A C5     1 
ATOM   333 C C6     . DC  A 1 11 ? 15.703  -1.097  9.218   1.00 0.00 ? 11 DC  A C6     1 
ATOM   334 H "H5'"  . DC  A 1 11 ? 13.673  3.096   10.270  1.00 0.00 ? 11 DC  A "H5'"  1 
ATOM   335 H "H5''" . DC  A 1 11 ? 14.676  3.454   11.685  1.00 0.00 ? 11 DC  A "H5''" 1 
ATOM   336 H "H4'"  . DC  A 1 11 ? 12.908  1.757   12.145  1.00 0.00 ? 11 DC  A "H4'"  1 
ATOM   337 H "H3'"  . DC  A 1 11 ? 15.618  1.541   12.918  1.00 0.00 ? 11 DC  A "H3'"  1 
ATOM   338 H "HO3'" . DC  A 1 11 ? 13.654  1.347   14.209  1.00 0.00 ? 11 DC  A "HO3'" 1 
ATOM   339 H "H2'"  . DC  A 1 11 ? 16.160  -0.123  11.449  1.00 0.00 ? 11 DC  A "H2'"  1 
ATOM   340 H "H2''" . DC  A 1 11 ? 15.511  -1.185  12.709  1.00 0.00 ? 11 DC  A "H2''" 1 
ATOM   341 H "H1'"  . DC  A 1 11 ? 13.385  -1.349  11.680  1.00 0.00 ? 11 DC  A "H1'"  1 
ATOM   342 H H41    . DC  A 1 11 ? 15.429  -4.590  6.580   1.00 0.00 ? 11 DC  A H41    1 
ATOM   343 H H42    . DC  A 1 11 ? 16.707  -3.439  6.228   1.00 0.00 ? 11 DC  A H42    1 
ATOM   344 H H5     . DC  A 1 11 ? 17.046  -1.390  7.640   1.00 0.00 ? 11 DC  A H5     1 
ATOM   345 H H6     . DC  A 1 11 ? 16.207  -0.162  9.465   1.00 0.00 ? 11 DC  A H6     1 
ATOM   346 O "O5'"  . DG  B 2 1  ? 9.158   -14.552 9.570   1.00 0.00 ? 1  DG  B "O5'"  1 
ATOM   347 C "C5'"  . DG  B 2 1  ? 10.271  -13.684 9.351   1.00 0.00 ? 1  DG  B "C5'"  1 
ATOM   348 C "C4'"  . DG  B 2 1  ? 9.756   -12.273 9.080   1.00 0.00 ? 1  DG  B "C4'"  1 
ATOM   349 O "O4'"  . DG  B 2 1  ? 10.793  -11.322 8.801   1.00 0.00 ? 1  DG  B "O4'"  1 
ATOM   350 C "C3'"  . DG  B 2 1  ? 8.796   -12.238 7.885   1.00 0.00 ? 1  DG  B "C3'"  1 
ATOM   351 O "O3'"  . DG  B 2 1  ? 7.441   -12.354 8.366   1.00 0.00 ? 1  DG  B "O3'"  1 
ATOM   352 C "C2'"  . DG  B 2 1  ? 9.221   -10.956 7.155   1.00 0.00 ? 1  DG  B "C2'"  1 
ATOM   353 C "C1'"  . DG  B 2 1  ? 10.174  -10.235 8.103   1.00 0.00 ? 1  DG  B "C1'"  1 
ATOM   354 N N9     . DG  B 2 1  ? 11.231  -9.418  7.459   1.00 0.00 ? 1  DG  B N9     1 
ATOM   355 C C8     . DG  B 2 1  ? 12.001  -9.693  6.354   1.00 0.00 ? 1  DG  B C8     1 
ATOM   356 N N7     . DG  B 2 1  ? 12.869  -8.765  6.067   1.00 0.00 ? 1  DG  B N7     1 
ATOM   357 C C5     . DG  B 2 1  ? 12.666  -7.804  7.048   1.00 0.00 ? 1  DG  B C5     1 
ATOM   358 C C6     . DG  B 2 1  ? 13.320  -6.562  7.254   1.00 0.00 ? 1  DG  B C6     1 
ATOM   359 O O6     . DG  B 2 1  ? 14.231  -6.047  6.610   1.00 0.00 ? 1  DG  B O6     1 
ATOM   360 N N1     . DG  B 2 1  ? 12.817  -5.896  8.351   1.00 0.00 ? 1  DG  B N1     1 
ATOM   361 C C2     . DG  B 2 1  ? 11.806  -6.356  9.163   1.00 0.00 ? 1  DG  B C2     1 
ATOM   362 N N2     . DG  B 2 1  ? 11.451  -5.570  10.173  1.00 0.00 ? 1  DG  B N2     1 
ATOM   363 N N3     . DG  B 2 1  ? 11.185  -7.522  8.979   1.00 0.00 ? 1  DG  B N3     1 
ATOM   364 C C4     . DG  B 2 1  ? 11.667  -8.191  7.903   1.00 0.00 ? 1  DG  B C4     1 
ATOM   365 H "H5'"  . DG  B 2 1  ? 10.848  -14.038 8.496   1.00 0.00 ? 1  DG  B "H5'"  1 
ATOM   366 H "H5''" . DG  B 2 1  ? 10.908  -13.673 10.235  1.00 0.00 ? 1  DG  B "H5''" 1 
ATOM   367 H "H4'"  . DG  B 2 1  ? 9.197   -11.945 9.956   1.00 0.00 ? 1  DG  B "H4'"  1 
ATOM   368 H "H3'"  . DG  B 2 1  ? 8.991   -13.086 7.227   1.00 0.00 ? 1  DG  B "H3'"  1 
ATOM   369 H "H2'"  . DG  B 2 1  ? 9.751   -11.256 6.251   1.00 0.00 ? 1  DG  B "H2'"  1 
ATOM   370 H "H2''" . DG  B 2 1  ? 8.383   -10.314 6.882   1.00 0.00 ? 1  DG  B "H2''" 1 
ATOM   371 H "H1'"  . DG  B 2 1  ? 9.604   -9.626  8.805   1.00 0.00 ? 1  DG  B "H1'"  1 
ATOM   372 H H8     . DG  B 2 1  ? 11.917  -10.599 5.754   1.00 0.00 ? 1  DG  B H8     1 
ATOM   373 H H1     . DG  B 2 1  ? 13.260  -5.006  8.526   1.00 0.00 ? 1  DG  B H1     1 
ATOM   374 H H21    . DG  B 2 1  ? 11.937  -4.695  10.313  1.00 0.00 ? 1  DG  B H21    1 
ATOM   375 H H22    . DG  B 2 1  ? 10.700  -5.860  10.783  1.00 0.00 ? 1  DG  B H22    1 
ATOM   376 H "HO5'" . DG  B 2 1  ? 8.421   -14.035 9.237   1.00 0.00 ? 1  DG  B "HO5'" 1 
ATOM   377 P P      . DC  B 2 2  ? 6.257   -11.264 8.219   1.00 0.00 ? 2  DC  B P      1 
ATOM   378 O OP1    . DC  B 2 2  ? 5.046   -11.811 8.870   1.00 0.00 ? 2  DC  B OP1    1 
ATOM   379 O OP2    . DC  B 2 2  ? 6.197   -10.828 6.806   1.00 0.00 ? 2  DC  B OP2    1 
ATOM   380 O "O5'"  . DC  B 2 2  ? 6.786   -10.023 9.098   1.00 0.00 ? 2  DC  B "O5'"  1 
ATOM   381 C "C5'"  . DC  B 2 2  ? 6.935   -10.057 10.525  1.00 0.00 ? 2  DC  B "C5'"  1 
ATOM   382 C "C4'"  . DC  B 2 2  ? 6.697   -8.671  11.132  1.00 0.00 ? 2  DC  B "C4'"  1 
ATOM   383 O "O4'"  . DC  B 2 2  ? 7.626   -7.701  10.612  1.00 0.00 ? 2  DC  B "O4'"  1 
ATOM   384 C "C3'"  . DC  B 2 2  ? 5.285   -8.176  10.823  1.00 0.00 ? 2  DC  B "C3'"  1 
ATOM   385 O "O3'"  . DC  B 2 2  ? 4.695   -7.519  11.953  1.00 0.00 ? 2  DC  B "O3'"  1 
ATOM   386 C "C2'"  . DC  B 2 2  ? 5.513   -7.274  9.623   1.00 0.00 ? 2  DC  B "C2'"  1 
ATOM   387 C "C1'"  . DC  B 2 2  ? 6.961   -6.788  9.723   1.00 0.00 ? 2  DC  B "C1'"  1 
ATOM   388 N N1     . DC  B 2 2  ? 7.732   -6.724  8.446   1.00 0.00 ? 2  DC  B N1     1 
ATOM   389 C C2     . DC  B 2 2  ? 8.692   -5.726  8.316   1.00 0.00 ? 2  DC  B C2     1 
ATOM   390 O O2     . DC  B 2 2  ? 8.889   -4.888  9.194   1.00 0.00 ? 2  DC  B O2     1 
ATOM   391 N N3     . DC  B 2 2  ? 9.419   -5.673  7.172   1.00 0.00 ? 2  DC  B N3     1 
ATOM   392 C C4     . DC  B 2 2  ? 9.229   -6.550  6.184   1.00 0.00 ? 2  DC  B C4     1 
ATOM   393 N N4     . DC  B 2 2  ? 9.977   -6.455  5.087   1.00 0.00 ? 2  DC  B N4     1 
ATOM   394 C C5     . DC  B 2 2  ? 8.247   -7.579  6.296   1.00 0.00 ? 2  DC  B C5     1 
ATOM   395 C C6     . DC  B 2 2  ? 7.530   -7.626  7.435   1.00 0.00 ? 2  DC  B C6     1 
ATOM   396 H "H5'"  . DC  B 2 2  ? 7.952   -10.368 10.769  1.00 0.00 ? 2  DC  B "H5'"  1 
ATOM   397 H "H5''" . DC  B 2 2  ? 6.235   -10.768 10.965  1.00 0.00 ? 2  DC  B "H5''" 1 
ATOM   398 H "H4'"  . DC  B 2 2  ? 6.825   -8.738  12.213  1.00 0.00 ? 2  DC  B "H4'"  1 
ATOM   399 H "H3'"  . DC  B 2 2  ? 4.650   -9.025  10.575  1.00 0.00 ? 2  DC  B "H3'"  1 
ATOM   400 H "H2'"  . DC  B 2 2  ? 5.337   -7.879  8.733   1.00 0.00 ? 2  DC  B "H2'"  1 
ATOM   401 H "H2''" . DC  B 2 2  ? 4.829   -6.426  9.614   1.00 0.00 ? 2  DC  B "H2''" 1 
ATOM   402 H "H1'"  . DC  B 2 2  ? 6.948   -5.804  10.192  1.00 0.00 ? 2  DC  B "H1'"  1 
ATOM   403 H H41    . DC  B 2 2  ? 10.685  -5.737  5.035   1.00 0.00 ? 2  DC  B H41    1 
ATOM   404 H H42    . DC  B 2 2  ? 9.841   -7.095  4.317   1.00 0.00 ? 2  DC  B H42    1 
ATOM   405 H H5     . DC  B 2 2  ? 8.072   -8.299  5.495   1.00 0.00 ? 2  DC  B H5     1 
ATOM   406 H H6     . DC  B 2 2  ? 6.778   -8.412  7.522   1.00 0.00 ? 2  DC  B H6     1 
ATOM   407 P P      . DA  B 2 3  ? 3.168   -6.985  11.955  1.00 0.00 ? 3  DA  B P      1 
ATOM   408 O OP1    . DA  B 2 3  ? 2.571   -7.311  13.271  1.00 0.00 ? 3  DA  B OP1    1 
ATOM   409 O OP2    . DA  B 2 3  ? 2.500   -7.445  10.716  1.00 0.00 ? 3  DA  B OP2    1 
ATOM   410 O "O5'"  . DA  B 2 3  ? 3.341   -5.385  11.854  1.00 0.00 ? 3  DA  B "O5'"  1 
ATOM   411 C "C5'"  . DA  B 2 3  ? 3.725   -4.597  12.990  1.00 0.00 ? 3  DA  B "C5'"  1 
ATOM   412 C "C4'"  . DA  B 2 3  ? 3.516   -3.099  12.756  1.00 0.00 ? 3  DA  B "C4'"  1 
ATOM   413 O "O4'"  . DA  B 2 3  ? 4.384   -2.588  11.732  1.00 0.00 ? 3  DA  B "O4'"  1 
ATOM   414 C "C3'"  . DA  B 2 3  ? 2.083   -2.751  12.361  1.00 0.00 ? 3  DA  B "C3'"  1 
ATOM   415 O "O3'"  . DA  B 2 3  ? 1.662   -1.586  13.090  1.00 0.00 ? 3  DA  B "O3'"  1 
ATOM   416 C "C2'"  . DA  B 2 3  ? 2.186   -2.589  10.855  1.00 0.00 ? 3  DA  B "C2'"  1 
ATOM   417 C "C1'"  . DA  B 2 3  ? 3.643   -2.255  10.549  1.00 0.00 ? 3  DA  B "C1'"  1 
ATOM   418 N N9     . DA  B 2 3  ? 4.247   -3.012  9.423   1.00 0.00 ? 3  DA  B N9     1 
ATOM   419 C C8     . DA  B 2 3  ? 3.868   -4.216  8.881   1.00 0.00 ? 3  DA  B C8     1 
ATOM   420 N N7     . DA  B 2 3  ? 4.635   -4.635  7.915   1.00 0.00 ? 3  DA  B N7     1 
ATOM   421 C C5     . DA  B 2 3  ? 5.597   -3.639  7.802   1.00 0.00 ? 3  DA  B C5     1 
ATOM   422 C C6     . DA  B 2 3  ? 6.702   -3.489  6.958   1.00 0.00 ? 3  DA  B C6     1 
ATOM   423 N N6     . DA  B 2 3  ? 7.038   -4.391  6.040   1.00 0.00 ? 3  DA  B N6     1 
ATOM   424 N N1     . DA  B 2 3  ? 7.449   -2.388  7.103   1.00 0.00 ? 3  DA  B N1     1 
ATOM   425 C C2     . DA  B 2 3  ? 7.124   -1.494  8.027   1.00 0.00 ? 3  DA  B C2     1 
ATOM   426 N N3     . DA  B 2 3  ? 6.110   -1.523  8.882   1.00 0.00 ? 3  DA  B N3     1 
ATOM   427 C C4     . DA  B 2 3  ? 5.372   -2.644  8.713   1.00 0.00 ? 3  DA  B C4     1 
ATOM   428 H "H5'"  . DA  B 2 3  ? 4.778   -4.774  13.209  1.00 0.00 ? 3  DA  B "H5'"  1 
ATOM   429 H "H5''" . DA  B 2 3  ? 3.133   -4.898  13.855  1.00 0.00 ? 3  DA  B "H5''" 1 
ATOM   430 H "H4'"  . DA  B 2 3  ? 3.752   -2.584  13.686  1.00 0.00 ? 3  DA  B "H4'"  1 
ATOM   431 H "H3'"  . DA  B 2 3  ? 1.406   -3.575  12.591  1.00 0.00 ? 3  DA  B "H3'"  1 
ATOM   432 H "H2'"  . DA  B 2 3  ? 1.891   -3.535  10.402  1.00 0.00 ? 3  DA  B "H2'"  1 
ATOM   433 H "H2''" . DA  B 2 3  ? 1.527   -1.797  10.497  1.00 0.00 ? 3  DA  B "H2''" 1 
ATOM   434 H "H1'"  . DA  B 2 3  ? 3.698   -1.178  10.387  1.00 0.00 ? 3  DA  B "H1'"  1 
ATOM   435 H H8     . DA  B 2 3  ? 3.003   -4.791  9.209   1.00 0.00 ? 3  DA  B H8     1 
ATOM   436 H H61    . DA  B 2 3  ? 7.828   -4.225  5.433   1.00 0.00 ? 3  DA  B H61    1 
ATOM   437 H H62    . DA  B 2 3  ? 6.502   -5.243  5.955   1.00 0.00 ? 3  DA  B H62    1 
ATOM   438 H H2     . DA  B 2 3  ? 7.783   -0.626  8.076   1.00 0.00 ? 3  DA  B H2     1 
ATOM   439 P P      . DT  B 2 4  ? 0.383   -0.667  12.731  1.00 0.00 ? 4  DT  B P      1 
ATOM   440 O OP1    . DT  B 2 4  ? 0.017   0.108   13.937  1.00 0.00 ? 4  DT  B OP1    1 
ATOM   441 O OP2    . DT  B 2 4  ? -0.633  -1.511  12.062  1.00 0.00 ? 4  DT  B OP2    1 
ATOM   442 O "O5'"  . DT  B 2 4  ? 0.991   0.348   11.634  1.00 0.00 ? 4  DT  B "O5'"  1 
ATOM   443 C "C5'"  . DT  B 2 4  ? 1.965   1.345   11.983  1.00 0.00 ? 4  DT  B "C5'"  1 
ATOM   444 C "C4'"  . DT  B 2 4  ? 2.483   2.092   10.752  1.00 0.00 ? 4  DT  B "C4'"  1 
ATOM   445 O "O4'"  . DT  B 2 4  ? 3.112   1.153   9.857   1.00 0.00 ? 4  DT  B "O4'"  1 
ATOM   446 C "C3'"  . DT  B 2 4  ? 1.350   2.790   9.978   1.00 0.00 ? 4  DT  B "C3'"  1 
ATOM   447 O "O3'"  . DT  B 2 4  ? 1.639   4.195   9.851   1.00 0.00 ? 4  DT  B "O3'"  1 
ATOM   448 C "C2'"  . DT  B 2 4  ? 1.340   2.038   8.658   1.00 0.00 ? 4  DT  B "C2'"  1 
ATOM   449 C "C1'"  . DT  B 2 4  ? 2.725   1.432   8.505   1.00 0.00 ? 4  DT  B "C1'"  1 
ATOM   450 N N1     . DT  B 2 4  ? 2.740   0.173   7.717   1.00 0.00 ? 4  DT  B N1     1 
ATOM   451 C C2     . DT  B 2 4  ? 3.736   0.008   6.767   1.00 0.00 ? 4  DT  B C2     1 
ATOM   452 O O2     . DT  B 2 4  ? 4.592   0.854   6.525   1.00 0.00 ? 4  DT  B O2     1 
ATOM   453 N N3     . DT  B 2 4  ? 3.723   -1.188  6.085   1.00 0.00 ? 4  DT  B N3     1 
ATOM   454 C C4     . DT  B 2 4  ? 2.827   -2.222  6.257   1.00 0.00 ? 4  DT  B C4     1 
ATOM   455 O O4     . DT  B 2 4  ? 2.944   -3.244  5.587   1.00 0.00 ? 4  DT  B O4     1 
ATOM   456 C C5     . DT  B 2 4  ? 1.823   -1.966  7.263   1.00 0.00 ? 4  DT  B C5     1 
ATOM   457 C C7     . DT  B 2 4  ? 0.749   -3.005  7.581   1.00 0.00 ? 4  DT  B C7     1 
ATOM   458 C C6     . DT  B 2 4  ? 1.810   -0.809  7.939   1.00 0.00 ? 4  DT  B C6     1 
ATOM   459 H "H5'"  . DT  B 2 4  ? 2.812   0.865   12.473  1.00 0.00 ? 4  DT  B "H5'"  1 
ATOM   460 H "H5''" . DT  B 2 4  ? 1.519   2.062   12.672  1.00 0.00 ? 4  DT  B "H5''" 1 
ATOM   461 H "H4'"  . DT  B 2 4  ? 3.213   2.839   11.063  1.00 0.00 ? 4  DT  B "H4'"  1 
ATOM   462 H "H3'"  . DT  B 2 4  ? 0.389   2.652   10.472  1.00 0.00 ? 4  DT  B "H3'"  1 
ATOM   463 H "H2'"  . DT  B 2 4  ? 0.565   1.274   8.728   1.00 0.00 ? 4  DT  B "H2'"  1 
ATOM   464 H "H2''" . DT  B 2 4  ? 1.125   2.677   7.802   1.00 0.00 ? 4  DT  B "H2''" 1 
ATOM   465 H "H1'"  . DT  B 2 4  ? 3.406   2.162   8.067   1.00 0.00 ? 4  DT  B "H1'"  1 
ATOM   466 H H3     . DT  B 2 4  ? 4.430   -1.315  5.375   1.00 0.00 ? 4  DT  B H3     1 
ATOM   467 H H71    . DT  B 2 4  ? 0.564   -3.007  8.656   1.00 0.00 ? 4  DT  B H71    1 
ATOM   468 H H72    . DT  B 2 4  ? -0.178  -2.748  7.068   1.00 0.00 ? 4  DT  B H72    1 
ATOM   469 H H73    . DT  B 2 4  ? 1.087   -3.996  7.280   1.00 0.00 ? 4  DT  B H73    1 
ATOM   470 H H6     . DT  B 2 4  ? 1.017   -0.670  8.673   1.00 0.00 ? 4  DT  B H6     1 
ATOM   471 P P      . DG  B 2 5  ? 0.960   5.179   8.764   1.00 0.00 ? 5  DG  B P      1 
ATOM   472 O OP1    . DG  B 2 5  ? 1.201   6.577   9.189   1.00 0.00 ? 5  DG  B OP1    1 
ATOM   473 O OP2    . DG  B 2 5  ? -0.423  4.719   8.504   1.00 0.00 ? 5  DG  B OP2    1 
ATOM   474 O "O5'"  . DG  B 2 5  ? 1.843   4.884   7.443   1.00 0.00 ? 5  DG  B "O5'"  1 
ATOM   475 C "C5'"  . DG  B 2 5  ? 3.190   5.364   7.302   1.00 0.00 ? 5  DG  B "C5'"  1 
ATOM   476 C "C4'"  . DG  B 2 5  ? 3.427   6.080   5.964   1.00 0.00 ? 5  DG  B "C4'"  1 
ATOM   477 O "O4'"  . DG  B 2 5  ? 3.542   5.187   4.848   1.00 0.00 ? 5  DG  B "O4'"  1 
ATOM   478 C "C3'"  . DG  B 2 5  ? 2.301   7.067   5.625   1.00 0.00 ? 5  DG  B "C3'"  1 
ATOM   479 O "O3'"  . DG  B 2 5  ? 2.674   8.321   5.010   1.00 0.00 ? 5  DG  B "O3'"  1 
ATOM   480 C "C2'"  . DG  B 2 5  ? 1.431   6.260   4.678   1.00 0.00 ? 5  DG  B "C2'"  1 
ATOM   481 C "C1'"  . DG  B 2 5  ? 2.299   5.104   4.137   1.00 0.00 ? 5  DG  B "C1'"  1 
ATOM   482 N N9     . DG  B 2 5  ? 1.764   3.724   4.303   1.00 0.00 ? 5  DG  B N9     1 
ATOM   483 C C8     . DG  B 2 5  ? 0.846   3.215   5.198   1.00 0.00 ? 5  DG  B C8     1 
ATOM   484 N N7     . DG  B 2 5  ? 0.629   1.935   5.064   1.00 0.00 ? 5  DG  B N7     1 
ATOM   485 C C5     . DG  B 2 5  ? 1.454   1.560   4.009   1.00 0.00 ? 5  DG  B C5     1 
ATOM   486 C C6     . DG  B 2 5  ? 1.649   0.286   3.407   1.00 0.00 ? 5  DG  B C6     1 
ATOM   487 O O6     . DG  B 2 5  ? 1.129   -0.790  3.692   1.00 0.00 ? 5  DG  B O6     1 
ATOM   488 N N1     . DG  B 2 5  ? 2.565   0.344   2.375   1.00 0.00 ? 5  DG  B N1     1 
ATOM   489 C C2     . DG  B 2 5  ? 3.220   1.481   1.966   1.00 0.00 ? 5  DG  B C2     1 
ATOM   490 N N2     . DG  B 2 5  ? 4.065   1.347   0.951   1.00 0.00 ? 5  DG  B N2     1 
ATOM   491 N N3     . DG  B 2 5  ? 3.044   2.677   2.526   1.00 0.00 ? 5  DG  B N3     1 
ATOM   492 C C4     . DG  B 2 5  ? 2.148   2.644   3.539   1.00 0.00 ? 5  DG  B C4     1 
ATOM   493 H "H5'"  . DG  B 2 5  ? 3.883   4.527   7.381   1.00 0.00 ? 5  DG  B "H5'"  1 
ATOM   494 H "H5''" . DG  B 2 5  ? 3.411   6.072   8.102   1.00 0.00 ? 5  DG  B "H5''" 1 
ATOM   495 H "H4'"  . DG  B 2 5  ? 4.376   6.608   6.068   1.00 0.00 ? 5  DG  B "H4'"  1 
ATOM   496 H "H3'"  . DG  B 2 5  ? 1.741   7.311   6.528   1.00 0.00 ? 5  DG  B "H3'"  1 
ATOM   497 H "H2'"  . DG  B 2 5  ? 0.524   5.935   5.188   1.00 0.00 ? 5  DG  B "H2'"  1 
ATOM   498 H "H2''" . DG  B 2 5  ? 1.175   6.934   3.861   1.00 0.00 ? 5  DG  B "H2''" 1 
ATOM   499 H "H1'"  . DG  B 2 5  ? 2.523   5.266   3.083   1.00 0.00 ? 5  DG  B "H1'"  1 
ATOM   500 H H8     . DG  B 2 5  ? 0.328   3.797   5.960   1.00 0.00 ? 5  DG  B H8     1 
ATOM   501 H H1     . DG  B 2 5  ? 2.758   -0.524  1.897   1.00 0.00 ? 5  DG  B H1     1 
ATOM   502 H H21    . DG  B 2 5  ? 4.180   0.455   0.493   1.00 0.00 ? 5  DG  B H21    1 
ATOM   503 H H22    . DG  B 2 5  ? 4.590   2.152   0.641   1.00 0.00 ? 5  DG  B H22    1 
ATOM   504 P P      . DC  B 2 6  ? 4.152   8.856   4.609   1.00 0.00 ? 6  DC  B P      1 
ATOM   505 O OP1    . DC  B 2 6  ? 5.120   8.393   5.629   1.00 0.00 ? 6  DC  B OP1    1 
ATOM   506 O OP2    . DC  B 2 6  ? 4.039   10.306  4.324   1.00 0.00 ? 6  DC  B OP2    1 
ATOM   507 O "O5'"  . DC  B 2 6  ? 4.477   8.096   3.221   1.00 0.00 ? 6  DC  B "O5'"  1 
ATOM   508 C "C5'"  . DC  B 2 6  ? 3.980   8.564   1.958   1.00 0.00 ? 6  DC  B "C5'"  1 
ATOM   509 C "C4'"  . DC  B 2 6  ? 4.271   7.579   0.825   1.00 0.00 ? 6  DC  B "C4'"  1 
ATOM   510 O "O4'"  . DC  B 2 6  ? 3.618   6.332   1.108   1.00 0.00 ? 6  DC  B "O4'"  1 
ATOM   511 C "C3'"  . DC  B 2 6  ? 3.755   8.078   -0.534  1.00 0.00 ? 6  DC  B "C3'"  1 
ATOM   512 O "O3'"  . DC  B 2 6  ? 4.728   7.803   -1.556  1.00 0.00 ? 6  DC  B "O3'"  1 
ATOM   513 C "C2'"  . DC  B 2 6  ? 2.466   7.292   -0.702  1.00 0.00 ? 6  DC  B "C2'"  1 
ATOM   514 C "C1'"  . DC  B 2 6  ? 2.705   6.000   0.057   1.00 0.00 ? 6  DC  B "C1'"  1 
ATOM   515 N N1     . DC  B 2 6  ? 1.506   5.386   0.682   1.00 0.00 ? 6  DC  B N1     1 
ATOM   516 C C2     . DC  B 2 6  ? 1.361   4.017   0.554   1.00 0.00 ? 6  DC  B C2     1 
ATOM   517 O O2     . DC  B 2 6  ? 2.180   3.356   -0.076  1.00 0.00 ? 6  DC  B O2     1 
ATOM   518 N N3     . DC  B 2 6  ? 0.293   3.421   1.139   1.00 0.00 ? 6  DC  B N3     1 
ATOM   519 C C4     . DC  B 2 6  ? -0.605  4.125   1.827   1.00 0.00 ? 6  DC  B C4     1 
ATOM   520 N N4     . DC  B 2 6  ? -1.633  3.489   2.390   1.00 0.00 ? 6  DC  B N4     1 
ATOM   521 C C5     . DC  B 2 6  ? -0.473  5.541   1.969   1.00 0.00 ? 6  DC  B C5     1 
ATOM   522 C C6     . DC  B 2 6  ? 0.593   6.126   1.381   1.00 0.00 ? 6  DC  B C6     1 
ATOM   523 H "H5'"  . DC  B 2 6  ? 4.448   9.520   1.727   1.00 0.00 ? 6  DC  B "H5'"  1 
ATOM   524 H "H5''" . DC  B 2 6  ? 2.900   8.705   2.027   1.00 0.00 ? 6  DC  B "H5''" 1 
ATOM   525 H "H4'"  . DC  B 2 6  ? 5.345   7.403   0.753   1.00 0.00 ? 6  DC  B "H4'"  1 
ATOM   526 H "H3'"  . DC  B 2 6  ? 3.555   9.148   -0.505  1.00 0.00 ? 6  DC  B "H3'"  1 
ATOM   527 H "H2'"  . DC  B 2 6  ? 1.654   7.872   -0.262  1.00 0.00 ? 6  DC  B "H2'"  1 
ATOM   528 H "H2''" . DC  B 2 6  ? 2.239   7.081   -1.748  1.00 0.00 ? 6  DC  B "H2''" 1 
ATOM   529 H "H1'"  . DC  B 2 6  ? 3.198   5.298   -0.616  1.00 0.00 ? 6  DC  B "H1'"  1 
ATOM   530 H H41    . DC  B 2 6  ? -1.712  2.484   2.316   1.00 0.00 ? 6  DC  B H41    1 
ATOM   531 H H42    . DC  B 2 6  ? -2.333  4.013   2.895   1.00 0.00 ? 6  DC  B H42    1 
ATOM   532 H H5     . DC  B 2 6  ? -1.202  6.121   2.533   1.00 0.00 ? 6  DC  B H5     1 
ATOM   533 H H6     . DC  B 2 6  ? 0.717   7.205   1.470   1.00 0.00 ? 6  DC  B H6     1 
ATOM   534 P P      . DG  B 2 7  ? 4.472   8.056   -3.131  1.00 0.00 ? 7  DG  B P      1 
ATOM   535 O OP1    . DG  B 2 7  ? 5.784   8.060   -3.816  1.00 0.00 ? 7  DG  B OP1    1 
ATOM   536 O OP2    . DG  B 2 7  ? 3.568   9.220   -3.276  1.00 0.00 ? 7  DG  B OP2    1 
ATOM   537 O "O5'"  . DG  B 2 7  ? 3.657   6.736   -3.581  1.00 0.00 ? 7  DG  B "O5'"  1 
ATOM   538 C "C5'"  . DG  B 2 7  ? 4.308   5.485   -3.860  1.00 0.00 ? 7  DG  B "C5'"  1 
ATOM   539 C "C4'"  . DG  B 2 7  ? 3.317   4.403   -4.304  1.00 0.00 ? 7  DG  B "C4'"  1 
ATOM   540 O "O4'"  . DG  B 2 7  ? 2.412   4.081   -3.227  1.00 0.00 ? 7  DG  B "O4'"  1 
ATOM   541 C "C3'"  . DG  B 2 7  ? 2.418   4.912   -5.441  1.00 0.00 ? 7  DG  B "C3'"  1 
ATOM   542 O "O3'"  . DG  B 2 7  ? 2.984   4.522   -6.701  1.00 0.00 ? 7  DG  B "O3'"  1 
ATOM   543 C "C2'"  . DG  B 2 7  ? 1.025   4.382   -5.081  1.00 0.00 ? 7  DG  B "C2'"  1 
ATOM   544 C "C1'"  . DG  B 2 7  ? 1.183   3.591   -3.786  1.00 0.00 ? 7  DG  B "C1'"  1 
ATOM   545 N N9     . DG  B 2 7  ? 0.058   3.755   -2.818  1.00 0.00 ? 7  DG  B N9     1 
ATOM   546 C C8     . DG  B 2 7  ? -0.336  4.856   -2.072  1.00 0.00 ? 7  DG  B C8     1 
ATOM   547 N N7     . DG  B 2 7  ? -1.347  4.622   -1.284  1.00 0.00 ? 7  DG  B N7     1 
ATOM   548 C C5     . DG  B 2 7  ? -1.656  3.288   -1.512  1.00 0.00 ? 7  DG  B C5     1 
ATOM   549 C C6     . DG  B 2 7  ? -2.669  2.479   -0.936  1.00 0.00 ? 7  DG  B C6     1 
ATOM   550 O O6     . DG  B 2 7  ? -3.506  2.773   -0.086  1.00 0.00 ? 7  DG  B O6     1 
ATOM   551 N N1     . DG  B 2 7  ? -2.646  1.195   -1.435  1.00 0.00 ? 7  DG  B N1     1 
ATOM   552 C C2     . DG  B 2 7  ? -1.761  0.728   -2.377  1.00 0.00 ? 7  DG  B C2     1 
ATOM   553 N N2     . DG  B 2 7  ? -1.898  -0.541  -2.744  1.00 0.00 ? 7  DG  B N2     1 
ATOM   554 N N3     . DG  B 2 7  ? -0.805  1.482   -2.924  1.00 0.00 ? 7  DG  B N3     1 
ATOM   555 C C4     . DG  B 2 7  ? -0.809  2.749   -2.446  1.00 0.00 ? 7  DG  B C4     1 
ATOM   556 H "H5'"  . DG  B 2 7  ? 4.832   5.141   -2.968  1.00 0.00 ? 7  DG  B "H5'"  1 
ATOM   557 H "H5''" . DG  B 2 7  ? 5.034   5.637   -4.658  1.00 0.00 ? 7  DG  B "H5''" 1 
ATOM   558 H "H4'"  . DG  B 2 7  ? 3.882   3.544   -4.667  1.00 0.00 ? 7  DG  B "H4'"  1 
ATOM   559 H "H3'"  . DG  B 2 7  ? 2.339   5.999   -5.406  1.00 0.00 ? 7  DG  B "H3'"  1 
ATOM   560 H "H2'"  . DG  B 2 7  ? 0.381   5.244   -4.906  1.00 0.00 ? 7  DG  B "H2'"  1 
ATOM   561 H "H2''" . DG  B 2 7  ? 0.595   3.761   -5.868  1.00 0.00 ? 7  DG  B "H2''" 1 
ATOM   562 H "H1'"  . DG  B 2 7  ? 1.322   2.534   -4.013  1.00 0.00 ? 7  DG  B "H1'"  1 
ATOM   563 H H8     . DG  B 2 7  ? 0.091   5.859   -2.087  1.00 0.00 ? 7  DG  B H8     1 
ATOM   564 H H1     . DG  B 2 7  ? -3.347  0.584   -1.043  1.00 0.00 ? 7  DG  B H1     1 
ATOM   565 H H21    . DG  B 2 7  ? -2.588  -1.124  -2.293  1.00 0.00 ? 7  DG  B H21    1 
ATOM   566 H H22    . DG  B 2 7  ? -1.306  -0.912  -3.474  1.00 0.00 ? 7  DG  B H22    1 
ATOM   567 P P      . DT  B 2 8  ? 2.164   4.244   -8.059  1.00 0.00 ? 8  DT  B P      1 
ATOM   568 O OP1    . DT  B 2 8  ? 3.129   4.144   -9.178  1.00 0.00 ? 8  DT  B OP1    1 
ATOM   569 O OP2    . DT  B 2 8  ? 1.036   5.200   -8.139  1.00 0.00 ? 8  DT  B OP2    1 
ATOM   570 O "O5'"  . DT  B 2 8  ? 1.563   2.783   -7.766  1.00 0.00 ? 8  DT  B "O5'"  1 
ATOM   571 C "C5'"  . DT  B 2 8  ? 2.411   1.642   -7.563  1.00 0.00 ? 8  DT  B "C5'"  1 
ATOM   572 C "C4'"  . DT  B 2 8  ? 1.612   0.346   -7.670  1.00 0.00 ? 8  DT  B "C4'"  1 
ATOM   573 O "O4'"  . DT  B 2 8  ? 0.615   0.260   -6.632  1.00 0.00 ? 8  DT  B "O4'"  1 
ATOM   574 C "C3'"  . DT  B 2 8  ? 0.898   0.235   -9.005  1.00 0.00 ? 8  DT  B "C3'"  1 
ATOM   575 O "O3'"  . DT  B 2 8  ? 0.950   -1.123  -9.465  1.00 0.00 ? 8  DT  B "O3'"  1 
ATOM   576 C "C2'"  . DT  B 2 8  ? -0.482  0.717   -8.609  1.00 0.00 ? 8  DT  B "C2'"  1 
ATOM   577 C "C1'"  . DT  B 2 8  ? -0.685  0.132   -7.227  1.00 0.00 ? 8  DT  B "C1'"  1 
ATOM   578 N N1     . DT  B 2 8  ? -1.676  0.857   -6.393  1.00 0.00 ? 8  DT  B N1     1 
ATOM   579 C C2     . DT  B 2 8  ? -2.609  0.140   -5.652  1.00 0.00 ? 8  DT  B C2     1 
ATOM   580 O O2     . DT  B 2 8  ? -2.686  -1.086  -5.661  1.00 0.00 ? 8  DT  B O2     1 
ATOM   581 N N3     . DT  B 2 8  ? -3.473  0.902   -4.879  1.00 0.00 ? 8  DT  B N3     1 
ATOM   582 C C4     . DT  B 2 8  ? -3.480  2.281   -4.787  1.00 0.00 ? 8  DT  B C4     1 
ATOM   583 O O4     . DT  B 2 8  ? -4.286  2.845   -4.056  1.00 0.00 ? 8  DT  B O4     1 
ATOM   584 C C5     . DT  B 2 8  ? -2.478  2.929   -5.594  1.00 0.00 ? 8  DT  B C5     1 
ATOM   585 C C7     . DT  B 2 8  ? -2.329  4.443   -5.607  1.00 0.00 ? 8  DT  B C7     1 
ATOM   586 C C6     . DT  B 2 8  ? -1.639  2.218   -6.347  1.00 0.00 ? 8  DT  B C6     1 
ATOM   587 H "H5'"  . DT  B 2 8  ? 2.857   1.697   -6.570  1.00 0.00 ? 8  DT  B "H5'"  1 
ATOM   588 H "H5''" . DT  B 2 8  ? 3.206   1.632   -8.308  1.00 0.00 ? 8  DT  B "H5''" 1 
ATOM   589 H "H4'"  . DT  B 2 8  ? 2.299   -0.498  -7.630  1.00 0.00 ? 8  DT  B "H4'"  1 
ATOM   590 H "H3'"  . DT  B 2 8  ? 1.402   0.879   -9.727  1.00 0.00 ? 8  DT  B "H3'"  1 
ATOM   591 H "H2'"  . DT  B 2 8  ? -0.426  1.804   -8.543  1.00 0.00 ? 8  DT  B "H2'"  1 
ATOM   592 H "H2''" . DT  B 2 8  ? -1.286  0.408   -9.276  1.00 0.00 ? 8  DT  B "H2''" 1 
ATOM   593 H "H1'"  . DT  B 2 8  ? -0.924  -0.924  -7.358  1.00 0.00 ? 8  DT  B "H1'"  1 
ATOM   594 H H3     . DT  B 2 8  ? -4.172  0.425   -4.329  1.00 0.00 ? 8  DT  B H3     1 
ATOM   595 H H71    . DT  B 2 8  ? -2.068  4.726   -6.627  1.00 0.00 ? 8  DT  B H71    1 
ATOM   596 H H72    . DT  B 2 8  ? -3.234  4.946   -5.268  1.00 0.00 ? 8  DT  B H72    1 
ATOM   597 H H73    . DT  B 2 8  ? -1.529  4.732   -4.926  1.00 0.00 ? 8  DT  B H73    1 
ATOM   598 H H6     . DT  B 2 8  ? -0.917  2.761   -6.957  1.00 0.00 ? 8  DT  B H6     1 
ATOM   599 P P      . DA  B 2 9  ? 0.218   -1.620  -10.810 1.00 0.00 ? 9  DA  B P      1 
ATOM   600 O OP1    . DA  B 2 9  ? 0.723   -2.974  -11.135 1.00 0.00 ? 9  DA  B OP1    1 
ATOM   601 O OP2    . DA  B 2 9  ? 0.313   -0.541  -11.819 1.00 0.00 ? 9  DA  B OP2    1 
ATOM   602 O "O5'"  . DA  B 2 9  ? -1.325  -1.741  -10.355 1.00 0.00 ? 9  DA  B "O5'"  1 
ATOM   603 C "C5'"  . DA  B 2 9  ? -1.846  -2.902  -9.687  1.00 0.00 ? 9  DA  B "C5'"  1 
ATOM   604 C "C4'"  . DA  B 2 9  ? -3.363  -2.828  -9.509  1.00 0.00 ? 9  DA  B "C4'"  1 
ATOM   605 O "O4'"  . DA  B 2 9  ? -3.746  -1.874  -8.505  1.00 0.00 ? 9  DA  B "O4'"  1 
ATOM   606 C "C3'"  . DA  B 2 9  ? -4.087  -2.435  -10.808 1.00 0.00 ? 9  DA  B "C3'"  1 
ATOM   607 O "O3'"  . DA  B 2 9  ? -4.922  -3.517  -11.251 1.00 0.00 ? 9  DA  B "O3'"  1 
ATOM   608 C "C2'"  . DA  B 2 9  ? -4.850  -1.186  -10.384 1.00 0.00 ? 9  DA  B "C2'"  1 
ATOM   609 C "C1'"  . DA  B 2 9  ? -5.011  -1.322  -8.885  1.00 0.00 ? 9  DA  B "C1'"  1 
ATOM   610 N N9     . DA  B 2 9  ? -5.234  -0.049  -8.169  1.00 0.00 ? 9  DA  B N9     1 
ATOM   611 C C8     . DA  B 2 9  ? -4.510  1.112   -8.240  1.00 0.00 ? 9  DA  B C8     1 
ATOM   612 N N7     . DA  B 2 9  ? -4.944  2.058   -7.457  1.00 0.00 ? 9  DA  B N7     1 
ATOM   613 C C5     . DA  B 2 9  ? -6.037  1.483   -6.820  1.00 0.00 ? 9  DA  B C5     1 
ATOM   614 C C6     . DA  B 2 9  ? -6.936  1.967   -5.865  1.00 0.00 ? 9  DA  B C6     1 
ATOM   615 N N6     . DA  B 2 9  ? -6.863  3.194   -5.359  1.00 0.00 ? 9  DA  B N6     1 
ATOM   616 N N1     . DA  B 2 9  ? -7.902  1.137   -5.450  1.00 0.00 ? 9  DA  B N1     1 
ATOM   617 C C2     . DA  B 2 9  ? -7.974  -0.091  -5.947  1.00 0.00 ? 9  DA  B C2     1 
ATOM   618 N N3     . DA  B 2 9  ? -7.187  -0.660  -6.847  1.00 0.00 ? 9  DA  B N3     1 
ATOM   619 C C4     . DA  B 2 9  ? -6.223  0.199   -7.248  1.00 0.00 ? 9  DA  B C4     1 
ATOM   620 H "H5'"  . DA  B 2 9  ? -1.381  -3.006  -8.706  1.00 0.00 ? 9  DA  B "H5'"  1 
ATOM   621 H "H5''" . DA  B 2 9  ? -1.611  -3.784  -10.282 1.00 0.00 ? 9  DA  B "H5''" 1 
ATOM   622 H "H4'"  . DA  B 2 9  ? -3.733  -3.811  -9.213  1.00 0.00 ? 9  DA  B "H4'"  1 
ATOM   623 H "H3'"  . DA  B 2 9  ? -3.371  -2.177  -11.589 1.00 0.00 ? 9  DA  B "H3'"  1 
ATOM   624 H "H2'"  . DA  B 2 9  ? -4.218  -0.325  -10.602 1.00 0.00 ? 9  DA  B "H2'"  1 
ATOM   625 H "H2''" . DA  B 2 9  ? -5.817  -1.087  -10.877 1.00 0.00 ? 9  DA  B "H2''" 1 
ATOM   626 H "H1'"  . DA  B 2 9  ? -5.817  -2.029  -8.685  1.00 0.00 ? 9  DA  B "H1'"  1 
ATOM   627 H H8     . DA  B 2 9  ? -3.650  1.234   -8.898  1.00 0.00 ? 9  DA  B H8     1 
ATOM   628 H H61    . DA  B 2 9  ? -7.528  3.505   -4.666  1.00 0.00 ? 9  DA  B H61    1 
ATOM   629 H H62    . DA  B 2 9  ? -6.134  3.820   -5.671  1.00 0.00 ? 9  DA  B H62    1 
ATOM   630 H H2     . DA  B 2 9  ? -8.786  -0.711  -5.568  1.00 0.00 ? 9  DA  B H2     1 
ATOM   631 P P      . DC  B 2 10 ? -5.967  -3.408  -12.476 1.00 0.00 ? 10 DC  B P      1 
ATOM   632 O OP1    . DC  B 2 10 ? -6.334  -4.781  -12.894 1.00 0.00 ? 10 DC  B OP1    1 
ATOM   633 O OP2    . DC  B 2 10 ? -5.430  -2.455  -13.473 1.00 0.00 ? 10 DC  B OP2    1 
ATOM   634 O "O5'"  . DC  B 2 10 ? -7.246  -2.728  -11.771 1.00 0.00 ? 10 DC  B "O5'"  1 
ATOM   635 C "C5'"  . DC  B 2 10 ? -8.042  -3.437  -10.809 1.00 0.00 ? 10 DC  B "C5'"  1 
ATOM   636 C "C4'"  . DC  B 2 10 ? -9.196  -2.585  -10.281 1.00 0.00 ? 10 DC  B "C4'"  1 
ATOM   637 O "O4'"  . DC  B 2 10 ? -8.708  -1.446  -9.551  1.00 0.00 ? 10 DC  B "O4'"  1 
ATOM   638 C "C3'"  . DC  B 2 10 ? -10.115 -2.078  -11.393 1.00 0.00 ? 10 DC  B "C3'"  1 
ATOM   639 O "O3'"  . DC  B 2 10 ? -11.431 -2.606  -11.179 1.00 0.00 ? 10 DC  B "O3'"  1 
ATOM   640 C "C2'"  . DC  B 2 10 ? -10.069 -0.572  -11.203 1.00 0.00 ? 10 DC  B "C2'"  1 
ATOM   641 C "C1'"  . DC  B 2 10 ? -9.606  -0.354  -9.772  1.00 0.00 ? 10 DC  B "C1'"  1 
ATOM   642 N N1     . DC  B 2 10 ? -8.916  0.931   -9.498  1.00 0.00 ? 10 DC  B N1     1 
ATOM   643 C C2     . DC  B 2 10 ? -9.417  1.731   -8.480  1.00 0.00 ? 10 DC  B C2     1 
ATOM   644 O O2     . DC  B 2 10 ? -10.405 1.406   -7.828  1.00 0.00 ? 10 DC  B O2     1 
ATOM   645 N N3     . DC  B 2 10 ? -8.792  2.898   -8.210  1.00 0.00 ? 10 DC  B N3     1 
ATOM   646 C C4     . DC  B 2 10 ? -7.720  3.289   -8.897  1.00 0.00 ? 10 DC  B C4     1 
ATOM   647 N N4     . DC  B 2 10 ? -7.152  4.446   -8.565  1.00 0.00 ? 10 DC  B N4     1 
ATOM   648 C C5     . DC  B 2 10 ? -7.188  2.482   -9.954  1.00 0.00 ? 10 DC  B C5     1 
ATOM   649 C C6     . DC  B 2 10 ? -7.817  1.317   -10.215 1.00 0.00 ? 10 DC  B C6     1 
ATOM   650 H "H5'"  . DC  B 2 10 ? -7.416  -3.729  -9.966  1.00 0.00 ? 10 DC  B "H5'"  1 
ATOM   651 H "H5''" . DC  B 2 10 ? -8.451  -4.334  -11.274 1.00 0.00 ? 10 DC  B "H5''" 1 
ATOM   652 H "H4'"  . DC  B 2 10 ? -9.833  -3.187  -9.633  1.00 0.00 ? 10 DC  B "H4'"  1 
ATOM   653 H "H3'"  . DC  B 2 10 ? -9.740  -2.380  -12.371 1.00 0.00 ? 10 DC  B "H3'"  1 
ATOM   654 H "H2'"  . DC  B 2 10 ? -9.376  -0.134  -11.921 1.00 0.00 ? 10 DC  B "H2'"  1 
ATOM   655 H "H2''" . DC  B 2 10 ? -11.072 -0.161  -11.323 1.00 0.00 ? 10 DC  B "H2''" 1 
ATOM   656 H "H1'"  . DC  B 2 10 ? -10.485 -0.419  -9.132  1.00 0.00 ? 10 DC  B "H1'"  1 
ATOM   657 H H41    . DC  B 2 10 ? -7.522  4.953   -7.773  1.00 0.00 ? 10 DC  B H41    1 
ATOM   658 H H42    . DC  B 2 10 ? -6.369  4.807   -9.091  1.00 0.00 ? 10 DC  B H42    1 
ATOM   659 H H5     . DC  B 2 10 ? -6.318  2.789   -10.535 1.00 0.00 ? 10 DC  B H5     1 
ATOM   660 H H6     . DC  B 2 10 ? -7.436  0.670   -11.005 1.00 0.00 ? 10 DC  B H6     1 
ATOM   661 P P      . DG  B 2 11 ? -12.644 -2.471  -12.236 1.00 0.00 ? 11 DG  B P      1 
ATOM   662 O OP1    . DG  B 2 11 ? -13.683 -3.459  -11.864 1.00 0.00 ? 11 DG  B OP1    1 
ATOM   663 O OP2    . DG  B 2 11 ? -12.075 -2.487  -13.603 1.00 0.00 ? 11 DG  B OP2    1 
ATOM   664 O "O5'"  . DG  B 2 11 ? -13.227 -0.988  -11.947 1.00 0.00 ? 11 DG  B "O5'"  1 
ATOM   665 C "C5'"  . DG  B 2 11 ? -14.570 -0.605  -12.299 1.00 0.00 ? 11 DG  B "C5'"  1 
ATOM   666 C "C4'"  . DG  B 2 11 ? -14.651 0.284   -13.551 1.00 0.00 ? 11 DG  B "C4'"  1 
ATOM   667 O "O4'"  . DG  B 2 11 ? -14.020 1.563   -13.294 1.00 0.00 ? 11 DG  B "O4'"  1 
ATOM   668 C "C3'"  . DG  B 2 11 ? -13.970 -0.347  -14.771 1.00 0.00 ? 11 DG  B "C3'"  1 
ATOM   669 O "O3'"  . DG  B 2 11 ? -14.671 0.017   -15.964 1.00 0.00 ? 11 DG  B "O3'"  1 
ATOM   670 C "C2'"  . DG  B 2 11 ? -12.636 0.405   -14.717 1.00 0.00 ? 11 DG  B "C2'"  1 
ATOM   671 C "C1'"  . DG  B 2 11 ? -12.939 1.837   -14.210 1.00 0.00 ? 11 DG  B "C1'"  1 
ATOM   672 N N9     . DG  B 2 11 ? -11.801 2.521   -13.513 1.00 0.00 ? 11 DG  B N9     1 
ATOM   673 C C8     . DG  B 2 11 ? -10.433 2.496   -13.755 1.00 0.00 ? 11 DG  B C8     1 
ATOM   674 N N7     . DG  B 2 11 ? -9.739  3.232   -12.931 1.00 0.00 ? 11 DG  B N7     1 
ATOM   675 C C5     . DG  B 2 11 ? -10.688 3.789   -12.086 1.00 0.00 ? 11 DG  B C5     1 
ATOM   676 C C6     . DG  B 2 11 ? -10.521 4.678   -10.992 1.00 0.00 ? 11 DG  B C6     1 
ATOM   677 O O6     . DG  B 2 11 ? -9.491  5.165   -10.535 1.00 0.00 ? 11 DG  B O6     1 
ATOM   678 N N1     . DG  B 2 11 ? -11.728 5.000   -10.406 1.00 0.00 ? 11 DG  B N1     1 
ATOM   679 C C2     . DG  B 2 11 ? -12.957 4.531   -10.811 1.00 0.00 ? 11 DG  B C2     1 
ATOM   680 N N2     . DG  B 2 11 ? -14.016 4.953   -10.129 1.00 0.00 ? 11 DG  B N2     1 
ATOM   681 N N3     . DG  B 2 11 ? -13.120 3.696   -11.837 1.00 0.00 ? 11 DG  B N3     1 
ATOM   682 C C4     . DG  B 2 11 ? -11.947 3.366   -12.429 1.00 0.00 ? 11 DG  B C4     1 
ATOM   683 H "H5'"  . DG  B 2 11 ? -15.001 -0.052  -11.465 1.00 0.00 ? 11 DG  B "H5'"  1 
ATOM   684 H "H5''" . DG  B 2 11 ? -15.177 -1.494  -12.466 1.00 0.00 ? 11 DG  B "H5''" 1 
ATOM   685 H "H4'"  . DG  B 2 11 ? -15.705 0.442   -13.780 1.00 0.00 ? 11 DG  B "H4'"  1 
ATOM   686 H "H3'"  . DG  B 2 11 ? -13.933 -1.433  -14.700 1.00 0.00 ? 11 DG  B "H3'"  1 
ATOM   687 H "HO3'" . DG  B 2 11 ? -14.202 -0.383  -16.702 1.00 0.00 ? 11 DG  B "HO3'" 1 
ATOM   688 H "H2'"  . DG  B 2 11 ? -12.058 -0.115  -13.953 1.00 0.00 ? 11 DG  B "H2'"  1 
ATOM   689 H "H2''" . DG  B 2 11 ? -12.110 0.395   -15.671 1.00 0.00 ? 11 DG  B "H2''" 1 
ATOM   690 H "H1'"  . DG  B 2 11 ? -13.289 2.550   -14.958 1.00 0.00 ? 11 DG  B "H1'"  1 
ATOM   691 H H8     . DG  B 2 11 ? -9.899  1.962   -14.541 1.00 0.00 ? 11 DG  B H8     1 
ATOM   692 H H1     . DG  B 2 11 ? -11.653 5.632   -9.622  1.00 0.00 ? 11 DG  B H1     1 
ATOM   693 H H21    . DG  B 2 11 ? -13.889 5.610   -9.373  1.00 0.00 ? 11 DG  B H21    1 
ATOM   694 H H22    . DG  B 2 11 ? -14.938 4.618   -10.373 1.00 0.00 ? 11 DG  B H22    1 
HETATM 695 C C1     . AFF C 3 .  ? 4.014   0.345   -3.821  1.00 0.00 ? 12 AFF A C1     1 
HETATM 696 C C2     . AFF C 3 .  ? 3.393   0.932   -2.705  1.00 0.00 ? 12 AFF A C2     1 
HETATM 697 N N2     . AFF C 3 .  ? 4.053   1.991   -1.886  1.00 0.00 ? 12 AFF A N2     1 
HETATM 698 C C3     . AFF C 3 .  ? 2.130   0.539   -2.281  1.00 0.00 ? 12 AFF A C3     1 
HETATM 699 C C4     . AFF C 3 .  ? 1.458   -0.453  -3.055  1.00 0.00 ? 12 AFF A C4     1 
HETATM 700 C C5     . AFF C 3 .  ? 0.362   -2.670  -5.044  1.00 0.00 ? 12 AFF A C5     1 
HETATM 701 C C6     . AFF C 3 .  ? 0.154   -3.614  -6.064  1.00 0.00 ? 12 AFF A C6     1 
HETATM 702 C C7     . AFF C 3 .  ? 1.153   -3.869  -7.018  1.00 0.00 ? 12 AFF A C7     1 
HETATM 703 C C8     . AFF C 3 .  ? 2.369   -3.180  -6.971  1.00 0.00 ? 12 AFF A C8     1 
HETATM 704 C C9     . AFF C 3 .  ? 3.742   -1.397  -5.706  1.00 0.00 ? 12 AFF A C9     1 
HETATM 705 C C10    . AFF C 3 .  ? 3.317   -0.629  -4.520  1.00 0.00 ? 12 AFF A C10    1 
HETATM 706 C C11    . AFF C 3 .  ? 2.050   -1.028  -4.144  1.00 0.00 ? 12 AFF A C11    1 
HETATM 707 C C12    . AFF C 3 .  ? 1.577   -1.993  -5.006  1.00 0.00 ? 12 AFF A C12    1 
HETATM 708 C C13    . AFF C 3 .  ? 2.554   -2.245  -5.962  1.00 0.00 ? 12 AFF A C13    1 
HETATM 709 C C40    . AFF C 3 .  ? 5.257   2.538   -2.076  1.00 0.00 ? 12 AFF A C40    1 
HETATM 710 O O40    . AFF C 3 .  ? 5.779   2.610   -3.185  1.00 0.00 ? 12 AFF A O40    1 
HETATM 711 C C31    . AFF C 3 .  ? 5.994   3.098   -0.866  1.00 0.00 ? 12 AFF A C31    1 
HETATM 712 H H1     . AFF C 3 .  ? 5.011   0.651   -4.141  1.00 0.00 ? 12 AFF A H1     1 
HETATM 713 H HN2    . AFF C 3 .  ? 3.529   2.333   -1.094  1.00 0.00 ? 12 AFF A HN2    1 
HETATM 714 H H4     . AFF C 3 .  ? 0.460   -0.772  -2.757  1.00 0.00 ? 12 AFF A H4     1 
HETATM 715 H H5     . AFF C 3 .  ? -0.419  -2.475  -4.310  1.00 0.00 ? 12 AFF A H5     1 
HETATM 716 H H6     . AFF C 3 .  ? -0.848  -4.012  -6.225  1.00 0.00 ? 12 AFF A H6     1 
HETATM 717 H H7     . AFF C 3 .  ? 0.968   -4.586  -7.818  1.00 0.00 ? 12 AFF A H7     1 
HETATM 718 H H8     . AFF C 3 .  ? 3.148   -3.367  -7.711  1.00 0.00 ? 12 AFF A H8     1 
HETATM 719 H HD     . AFF C 3 .  ? 4.029   -0.766  -6.546  1.00 0.00 ? 12 AFF A HD     1 
HETATM 720 H HU     . AFF C 3 .  ? 4.472   -2.097  -5.298  1.00 0.00 ? 12 AFF A HU     1 
HETATM 721 H H33    . AFF C 3 .  ? 6.715   3.858   -1.170  1.00 0.00 ? 12 AFF A H33    1 
HETATM 722 H H31    . AFF C 3 .  ? 6.512   2.282   -0.362  1.00 0.00 ? 12 AFF A H31    1 
HETATM 723 H H32    . AFF C 3 .  ? 5.283   3.563   -0.183  1.00 0.00 ? 12 AFF A H32    1 
# 
